data_4LU6
#
_entry.id   4LU6
#
_cell.length_a   115.038
_cell.length_b   115.038
_cell.length_c   229.573
_cell.angle_alpha   90.00
_cell.angle_beta   90.00
_cell.angle_gamma   120.00
#
_symmetry.space_group_name_H-M   'P 62'
#
loop_
_entity.id
_entity.type
_entity.pdbx_description
1 polymer 'Flavin-dependent tryptophan halogenase RebH'
2 non-polymer 'PHOSPHATE ION'
3 water water
#
_entity_poly.entity_id   1
_entity_poly.type   'polypeptide(L)'
_entity_poly.pdbx_seq_one_letter_code
;MGSSHHHHHHSSGLVPRGSHMPGKIDKILIVGGGTAGWMAASYLGKALQGTADITLLQAPDIPTLGVGEATIPNLQTAFF
DFLGIPEDEWVRECNASYKVAIKFINWRTAGEGTSEARELDGGPDHFYHSFGLLKYHEQIPLSHYWFDRLYRGKTVEPFD
YACYMEPVILDANRSPRRLDGSKVTSYAWHFDAHLVADFLRRFATEKLGVRHVEDRVEHVQRDANGNIESVRTATGRVFD
ADLFVDCSGFRGLLINKAMEEPFLDMSDHLLNDSAVATQVPHDDDANGVEPFTSAIAMKSGWTWKIPMLGRFGTGYVYSS
RFATEDEAVREFCEMWHLDPETQPLNRIRFRVGRNRRAWVGNCVSIGTSSCFVEPLESTGIYFVYAALYQLVKHFPDKSL
NPVLTARFNREIETMFDDTRDFIQAHFYFSPRTDTPFWRANKDLRLADGMQEKIDMYRAGMAINAPASDDAQLYYGNFEE
GFRNFWNNSNYYCVLAGLGLVPDAPSPRLAHMPRATESVDEVFGAVKDRQRNLLETLPSLHEFLRQQHGR
;
_entity_poly.pdbx_strand_id   A,B
#
loop_
_chem_comp.id
_chem_comp.type
_chem_comp.name
_chem_comp.formula
PO4 non-polymer 'PHOSPHATE ION' 'O4 P -3'
#
# COMPACT_ATOMS: atom_id res chain seq x y z
N MET A 21 -30.89 12.27 -9.79
CA MET A 21 -30.03 11.32 -9.06
C MET A 21 -30.73 10.00 -8.69
N PRO A 22 -30.02 8.86 -8.82
CA PRO A 22 -30.69 7.56 -8.83
C PRO A 22 -31.01 7.08 -7.42
N GLY A 23 -31.77 6.00 -7.30
CA GLY A 23 -32.24 5.58 -6.00
C GLY A 23 -31.17 5.02 -5.09
N LYS A 24 -31.30 5.28 -3.78
CA LYS A 24 -30.43 4.61 -2.83
C LYS A 24 -30.88 3.16 -2.61
N ILE A 25 -30.07 2.40 -1.90
CA ILE A 25 -30.48 1.06 -1.50
C ILE A 25 -31.39 1.26 -0.29
N ASP A 26 -32.64 0.82 -0.43
CA ASP A 26 -33.65 0.98 0.63
C ASP A 26 -33.73 -0.28 1.46
N LYS A 27 -33.76 -1.41 0.78
CA LYS A 27 -34.00 -2.69 1.44
C LYS A 27 -32.90 -3.71 1.13
N ILE A 28 -32.32 -4.30 2.17
CA ILE A 28 -31.38 -5.41 2.01
C ILE A 28 -31.95 -6.66 2.68
N LEU A 29 -31.82 -7.80 2.01
CA LEU A 29 -32.16 -9.08 2.62
C LEU A 29 -30.88 -9.91 2.83
N ILE A 30 -30.60 -10.28 4.08
CA ILE A 30 -29.52 -11.22 4.34
C ILE A 30 -30.11 -12.63 4.50
N VAL A 31 -29.75 -13.56 3.64
CA VAL A 31 -30.13 -14.95 3.84
C VAL A 31 -29.02 -15.71 4.57
N GLY A 32 -29.33 -16.23 5.74
CA GLY A 32 -28.31 -16.85 6.57
C GLY A 32 -28.18 -16.15 7.90
N GLY A 33 -28.26 -16.92 8.98
CA GLY A 33 -28.04 -16.39 10.30
C GLY A 33 -26.95 -17.13 11.06
N GLY A 34 -25.77 -17.22 10.48
CA GLY A 34 -24.66 -17.78 11.21
C GLY A 34 -23.93 -16.66 11.93
N THR A 35 -22.62 -16.86 12.11
CA THR A 35 -21.76 -15.79 12.56
C THR A 35 -21.68 -14.77 11.43
N ALA A 36 -21.59 -15.24 10.20
CA ALA A 36 -21.48 -14.32 9.06
C ALA A 36 -22.77 -13.54 8.91
N GLY A 37 -23.91 -14.22 8.94
CA GLY A 37 -25.19 -13.55 8.91
C GLY A 37 -25.38 -12.42 9.89
N TRP A 38 -25.08 -12.65 11.17
CA TRP A 38 -25.28 -11.63 12.20
C TRP A 38 -24.20 -10.57 12.29
N MET A 39 -23.00 -10.90 11.80
CA MET A 39 -21.96 -9.90 11.64
C MET A 39 -22.38 -8.94 10.52
N ALA A 40 -22.80 -9.49 9.39
CA ALA A 40 -23.29 -8.71 8.24
C ALA A 40 -24.42 -7.75 8.62
N ALA A 41 -25.38 -8.29 9.39
CA ALA A 41 -26.57 -7.55 9.88
C ALA A 41 -26.20 -6.44 10.86
N SER A 42 -25.26 -6.72 11.76
CA SER A 42 -24.81 -5.73 12.72
C SER A 42 -23.98 -4.65 12.03
N TYR A 43 -23.15 -5.05 11.07
CA TYR A 43 -22.28 -4.11 10.39
C TYR A 43 -23.10 -3.15 9.55
N LEU A 44 -23.81 -3.68 8.55
CA LEU A 44 -24.73 -2.90 7.71
C LEU A 44 -25.82 -2.15 8.51
N GLY A 45 -26.31 -2.77 9.60
CA GLY A 45 -27.26 -2.15 10.49
C GLY A 45 -26.75 -0.84 11.07
N LYS A 46 -25.46 -0.80 11.39
CA LYS A 46 -24.85 0.39 11.99
C LYS A 46 -24.32 1.35 10.93
N ALA A 47 -23.81 0.82 9.83
CA ALA A 47 -23.26 1.67 8.76
C ALA A 47 -24.35 2.47 8.03
N LEU A 48 -25.41 1.79 7.59
CA LEU A 48 -26.53 2.46 6.92
C LEU A 48 -27.69 2.78 7.86
N GLN A 49 -27.38 3.13 9.10
CA GLN A 49 -28.45 3.29 10.09
C GLN A 49 -29.42 4.42 9.74
N GLY A 50 -30.70 4.07 9.83
CA GLY A 50 -31.77 5.03 9.63
C GLY A 50 -32.11 5.16 8.18
N THR A 51 -31.32 4.54 7.31
CA THR A 51 -31.42 4.82 5.89
C THR A 51 -31.59 3.56 5.07
N ALA A 52 -31.73 2.42 5.75
CA ALA A 52 -32.05 1.18 5.07
C ALA A 52 -32.77 0.22 6.01
N ASP A 53 -33.73 -0.53 5.46
CA ASP A 53 -34.47 -1.55 6.20
C ASP A 53 -33.80 -2.88 5.91
N ILE A 54 -33.15 -3.45 6.92
CA ILE A 54 -32.43 -4.72 6.76
C ILE A 54 -33.24 -5.86 7.37
N THR A 55 -33.41 -6.96 6.64
CA THR A 55 -34.07 -8.15 7.18
C THR A 55 -33.19 -9.37 7.03
N LEU A 56 -33.15 -10.19 8.08
CA LEU A 56 -32.37 -11.43 8.05
C LEU A 56 -33.29 -12.66 8.00
N LEU A 57 -32.87 -13.67 7.26
CA LEU A 57 -33.65 -14.88 7.04
C LEU A 57 -32.87 -16.11 7.52
N GLN A 58 -33.01 -16.48 8.78
CA GLN A 58 -32.40 -17.72 9.26
C GLN A 58 -33.43 -18.79 9.57
N ALA A 59 -33.15 -20.01 9.18
CA ALA A 59 -33.98 -21.14 9.55
C ALA A 59 -33.12 -22.10 10.38
N PRO A 60 -33.77 -22.91 11.24
CA PRO A 60 -33.01 -23.80 12.13
C PRO A 60 -32.16 -24.82 11.36
N ASP A 61 -30.95 -25.07 11.86
CA ASP A 61 -30.10 -26.13 11.32
C ASP A 61 -29.73 -27.06 12.45
N ILE A 62 -29.26 -28.26 12.09
CA ILE A 62 -28.79 -29.20 13.10
C ILE A 62 -27.64 -28.53 13.83
N PRO A 63 -27.82 -28.32 15.13
CA PRO A 63 -26.82 -27.59 15.90
C PRO A 63 -25.52 -28.38 16.06
N THR A 64 -24.42 -27.66 16.21
CA THR A 64 -23.09 -28.26 16.28
C THR A 64 -22.51 -27.97 17.64
N LEU A 65 -21.47 -28.71 18.03
CA LEU A 65 -20.71 -28.39 19.26
C LEU A 65 -19.90 -27.11 19.09
N GLY A 66 -19.51 -26.50 20.20
CA GLY A 66 -18.72 -25.29 20.17
C GLY A 66 -17.23 -25.55 20.15
N VAL A 67 -16.67 -25.66 18.94
CA VAL A 67 -15.31 -26.14 18.78
C VAL A 67 -14.26 -25.01 18.68
N GLY A 68 -14.72 -23.77 18.78
CA GLY A 68 -13.80 -22.65 18.97
C GLY A 68 -13.41 -21.87 17.72
N GLU A 69 -13.29 -20.55 17.88
CA GLU A 69 -12.81 -19.67 16.83
C GLU A 69 -11.65 -18.86 17.33
N ALA A 70 -10.59 -18.83 16.54
CA ALA A 70 -9.46 -17.98 16.86
C ALA A 70 -9.53 -16.71 16.01
N THR A 71 -9.02 -15.61 16.56
CA THR A 71 -9.17 -14.33 15.90
C THR A 71 -7.84 -13.57 15.75
N ILE A 72 -7.98 -12.32 15.34
CA ILE A 72 -6.87 -11.45 14.95
C ILE A 72 -7.16 -10.10 15.60
N PRO A 73 -6.13 -9.37 16.03
CA PRO A 73 -6.39 -8.19 16.88
C PRO A 73 -7.33 -7.15 16.30
N ASN A 74 -7.47 -7.05 14.97
CA ASN A 74 -8.33 -6.00 14.42
C ASN A 74 -9.81 -6.36 14.40
N LEU A 75 -10.17 -7.46 15.07
CA LEU A 75 -11.58 -7.79 15.30
C LEU A 75 -12.21 -6.75 16.23
N GLN A 76 -11.40 -6.19 17.13
CA GLN A 76 -11.90 -5.15 18.00
C GLN A 76 -11.91 -3.80 17.30
N THR A 77 -10.88 -3.51 16.49
CA THR A 77 -10.75 -2.16 15.94
C THR A 77 -11.47 -1.97 14.62
N ALA A 78 -11.67 -3.06 13.88
CA ALA A 78 -12.33 -2.95 12.58
C ALA A 78 -13.81 -3.27 12.67
N PHE A 79 -14.17 -4.08 13.66
CA PHE A 79 -15.55 -4.55 13.77
C PHE A 79 -16.28 -3.99 14.99
N PHE A 80 -15.92 -4.49 16.17
CA PHE A 80 -16.59 -4.11 17.41
C PHE A 80 -16.51 -2.62 17.72
N ASP A 81 -15.37 -1.99 17.44
CA ASP A 81 -15.24 -0.55 17.65
C ASP A 81 -16.22 0.16 16.74
N PHE A 82 -16.35 -0.33 15.50
CA PHE A 82 -17.29 0.24 14.56
C PHE A 82 -18.72 0.10 15.04
N LEU A 83 -19.08 -1.08 15.55
CA LEU A 83 -20.40 -1.25 16.18
C LEU A 83 -20.58 -0.33 17.39
N GLY A 84 -19.49 0.07 18.03
CA GLY A 84 -19.55 0.83 19.26
C GLY A 84 -19.70 -0.05 20.50
N ILE A 85 -19.24 -1.29 20.38
CA ILE A 85 -19.24 -2.23 21.50
C ILE A 85 -17.83 -2.34 22.04
N PRO A 86 -17.62 -1.90 23.30
CA PRO A 86 -16.29 -1.93 23.90
C PRO A 86 -15.84 -3.37 24.13
N GLU A 87 -14.54 -3.58 24.16
CA GLU A 87 -14.00 -4.93 24.30
C GLU A 87 -14.53 -5.66 25.51
N ASP A 88 -14.41 -5.08 26.70
CA ASP A 88 -14.80 -5.80 27.92
C ASP A 88 -16.27 -6.23 27.93
N GLU A 89 -17.12 -5.48 27.23
CA GLU A 89 -18.53 -5.83 27.16
C GLU A 89 -18.82 -7.17 26.44
N TRP A 90 -18.30 -7.35 25.23
CA TRP A 90 -18.54 -8.60 24.49
C TRP A 90 -17.67 -9.77 24.95
N VAL A 91 -16.49 -9.47 25.50
CA VAL A 91 -15.63 -10.54 25.99
C VAL A 91 -16.24 -11.21 27.22
N ARG A 92 -16.86 -10.41 28.11
CA ARG A 92 -17.50 -10.95 29.31
C ARG A 92 -18.76 -11.74 28.96
N GLU A 93 -19.48 -11.22 27.99
CA GLU A 93 -20.76 -11.80 27.60
C GLU A 93 -20.60 -13.19 27.00
N CYS A 94 -19.53 -13.38 26.24
CA CYS A 94 -19.31 -14.59 25.44
C CYS A 94 -18.24 -15.48 26.04
N ASN A 95 -17.85 -15.17 27.28
CA ASN A 95 -16.82 -15.90 28.03
C ASN A 95 -15.56 -16.23 27.21
N ALA A 96 -14.94 -15.17 26.70
CA ALA A 96 -13.82 -15.26 25.78
C ALA A 96 -12.53 -15.37 26.55
N SER A 97 -11.51 -15.98 25.94
CA SER A 97 -10.16 -16.00 26.48
C SER A 97 -9.26 -15.17 25.55
N TYR A 98 -7.99 -15.00 25.93
CA TYR A 98 -7.05 -14.15 25.19
C TYR A 98 -6.08 -14.94 24.34
N LYS A 99 -5.75 -14.41 23.14
CA LYS A 99 -4.82 -15.04 22.20
C LYS A 99 -3.65 -14.10 21.83
N VAL A 100 -2.40 -14.55 22.06
CA VAL A 100 -1.20 -13.75 21.76
C VAL A 100 -0.40 -14.25 20.55
N ALA A 101 -0.52 -15.55 20.27
CA ALA A 101 0.16 -16.14 19.12
C ALA A 101 -0.44 -17.49 18.74
N ILE A 102 0.03 -18.04 17.62
CA ILE A 102 -0.31 -19.40 17.23
C ILE A 102 0.95 -20.22 17.42
N LYS A 103 0.93 -21.16 18.36
CA LYS A 103 2.12 -21.99 18.62
C LYS A 103 2.08 -23.19 17.70
N PHE A 104 3.16 -23.44 16.95
CA PHE A 104 3.16 -24.53 15.97
C PHE A 104 3.93 -25.74 16.47
N ILE A 105 3.20 -26.76 16.89
CA ILE A 105 3.77 -27.96 17.48
C ILE A 105 3.99 -29.14 16.51
N ASN A 106 5.22 -29.66 16.46
CA ASN A 106 5.55 -30.85 15.69
C ASN A 106 5.46 -30.74 14.18
N TRP A 107 5.78 -29.56 13.64
CA TRP A 107 5.73 -29.35 12.20
C TRP A 107 7.03 -29.73 11.48
N ARG A 108 8.08 -30.02 12.25
CA ARG A 108 9.42 -30.22 11.69
C ARG A 108 9.96 -31.62 11.99
N THR A 109 9.20 -32.40 12.75
CA THR A 109 9.66 -33.72 13.17
C THR A 109 8.65 -34.80 12.81
N ALA A 110 9.14 -35.98 12.46
CA ALA A 110 8.27 -37.09 12.06
C ALA A 110 7.62 -37.75 13.29
N GLY A 111 6.43 -38.35 13.09
CA GLY A 111 5.74 -39.01 14.19
C GLY A 111 4.23 -38.90 14.20
N GLU A 112 3.61 -39.76 15.01
CA GLU A 112 2.16 -39.84 15.18
C GLU A 112 1.51 -38.53 15.60
N GLY A 113 0.18 -38.51 15.63
CA GLY A 113 -0.54 -37.31 15.99
C GLY A 113 -0.63 -37.20 17.49
N THR A 114 0.36 -36.53 18.08
CA THR A 114 0.40 -36.35 19.51
C THR A 114 0.20 -34.89 19.94
N SER A 115 -0.25 -34.72 21.18
CA SER A 115 -0.42 -33.40 21.74
C SER A 115 0.86 -32.93 22.41
N GLU A 116 1.88 -33.80 22.45
CA GLU A 116 3.18 -33.43 23.03
C GLU A 116 4.23 -33.09 21.96
N ALA A 117 4.93 -31.97 22.15
CA ALA A 117 5.99 -31.56 21.25
C ALA A 117 7.15 -32.52 21.38
N ARG A 118 7.62 -33.03 20.25
CA ARG A 118 8.74 -33.95 20.18
C ARG A 118 10.04 -33.19 20.36
N GLU A 119 11.17 -33.88 20.41
CA GLU A 119 12.43 -33.16 20.50
C GLU A 119 12.93 -32.75 19.12
N LEU A 120 13.74 -31.70 19.10
CA LEU A 120 14.37 -31.21 17.88
C LEU A 120 15.52 -30.31 18.27
N ASP A 121 16.75 -30.80 18.06
CA ASP A 121 17.94 -30.06 18.46
C ASP A 121 17.86 -29.54 19.91
N GLY A 122 17.62 -30.45 20.84
CA GLY A 122 17.70 -30.16 22.26
C GLY A 122 16.63 -29.25 22.85
N GLY A 123 15.50 -29.16 22.19
CA GLY A 123 14.37 -28.41 22.72
C GLY A 123 13.10 -28.93 22.07
N PRO A 124 11.94 -28.50 22.58
CA PRO A 124 10.66 -28.91 22.01
C PRO A 124 10.54 -28.46 20.56
N ASP A 125 9.90 -29.26 19.72
CA ASP A 125 9.66 -28.88 18.34
C ASP A 125 8.46 -27.95 18.28
N HIS A 126 8.68 -26.68 18.55
CA HIS A 126 7.60 -25.72 18.40
C HIS A 126 8.12 -24.35 18.03
N PHE A 127 7.31 -23.55 17.35
CA PHE A 127 7.67 -22.17 17.06
C PHE A 127 6.45 -21.28 17.06
N TYR A 128 6.62 -20.01 17.41
CA TYR A 128 5.49 -19.09 17.51
C TYR A 128 5.35 -18.12 16.34
N HIS A 129 4.12 -17.96 15.85
CA HIS A 129 3.77 -16.84 14.98
C HIS A 129 3.00 -15.84 15.83
N SER A 130 3.65 -14.74 16.25
CA SER A 130 2.98 -13.78 17.15
C SER A 130 2.34 -12.62 16.43
N PHE A 131 1.83 -11.66 17.19
CA PHE A 131 0.99 -10.63 16.59
C PHE A 131 1.70 -9.31 16.35
N GLY A 132 2.86 -9.11 16.97
CA GLY A 132 3.52 -7.82 16.85
C GLY A 132 3.97 -7.55 15.41
N LEU A 133 4.48 -6.34 15.19
CA LEU A 133 5.30 -6.10 14.01
C LEU A 133 6.79 -6.13 14.42
N LEU A 134 7.63 -6.68 13.54
CA LEU A 134 9.06 -6.85 13.80
C LEU A 134 9.72 -5.48 13.85
N LYS A 135 10.64 -5.26 14.78
CA LYS A 135 11.21 -3.93 14.93
C LYS A 135 12.11 -3.51 13.76
N TYR A 136 12.09 -2.23 13.41
CA TYR A 136 12.97 -1.72 12.37
C TYR A 136 14.25 -1.21 13.00
N HIS A 137 15.38 -1.60 12.45
CA HIS A 137 16.64 -1.02 12.85
C HIS A 137 17.28 -0.40 11.61
N GLU A 138 17.27 0.92 11.53
CA GLU A 138 17.72 1.66 10.34
C GLU A 138 16.92 1.29 9.08
N GLN A 139 15.60 1.49 9.16
CA GLN A 139 14.62 1.05 8.15
C GLN A 139 15.07 -0.27 7.47
N ILE A 140 15.57 -1.21 8.28
CA ILE A 140 15.67 -2.63 7.96
C ILE A 140 15.03 -3.47 9.06
N PRO A 141 14.19 -4.45 8.70
CA PRO A 141 13.53 -5.32 9.69
C PRO A 141 14.52 -6.14 10.51
N LEU A 142 14.24 -6.27 11.79
CA LEU A 142 15.11 -7.05 12.68
C LEU A 142 15.38 -8.47 12.17
N SER A 143 14.50 -9.01 11.34
CA SER A 143 14.67 -10.37 10.83
C SER A 143 15.95 -10.49 10.02
N HIS A 144 16.26 -9.43 9.28
CA HIS A 144 17.42 -9.40 8.41
C HIS A 144 18.70 -9.42 9.23
N TYR A 145 18.62 -8.85 10.43
CA TYR A 145 19.76 -8.79 11.33
C TYR A 145 19.98 -10.11 12.02
N TRP A 146 18.89 -10.77 12.39
CA TRP A 146 18.98 -12.06 13.04
C TRP A 146 19.57 -13.07 12.08
N PHE A 147 19.10 -13.09 10.83
CA PHE A 147 19.63 -14.03 9.87
C PHE A 147 21.09 -13.75 9.52
N ASP A 148 21.48 -12.48 9.60
CA ASP A 148 22.86 -12.12 9.36
C ASP A 148 23.76 -12.90 10.29
N ARG A 149 23.49 -12.77 11.59
CA ARG A 149 24.23 -13.46 12.65
C ARG A 149 24.15 -14.97 12.58
N LEU A 150 22.98 -15.52 12.29
CA LEU A 150 22.80 -16.95 12.10
C LEU A 150 23.76 -17.49 11.05
N TYR A 151 23.79 -16.82 9.91
CA TYR A 151 24.63 -17.20 8.77
C TYR A 151 26.13 -17.12 9.06
N ARG A 152 26.52 -16.14 9.86
CA ARG A 152 27.92 -15.93 10.16
C ARG A 152 28.26 -16.59 11.48
N GLY A 153 27.45 -17.58 11.88
CA GLY A 153 27.69 -18.33 13.10
C GLY A 153 27.75 -17.56 14.40
N LYS A 154 27.35 -16.30 14.36
CA LYS A 154 27.32 -15.46 15.56
C LYS A 154 26.19 -15.86 16.51
N THR A 155 25.13 -16.42 15.97
CA THR A 155 24.00 -16.85 16.80
C THR A 155 23.45 -18.17 16.33
N VAL A 156 22.58 -18.74 17.17
CA VAL A 156 22.05 -20.06 16.92
C VAL A 156 20.59 -20.17 17.45
N GLU A 157 20.11 -19.03 17.93
CA GLU A 157 18.80 -18.87 18.52
C GLU A 157 17.77 -18.86 17.42
N PRO A 158 16.60 -19.47 17.67
CA PRO A 158 15.53 -19.50 16.67
C PRO A 158 15.00 -18.09 16.44
N PHE A 159 14.45 -17.82 15.24
CA PHE A 159 13.98 -16.48 14.88
C PHE A 159 12.99 -15.88 15.88
N ASP A 160 12.04 -16.69 16.34
CA ASP A 160 10.97 -16.19 17.20
C ASP A 160 11.44 -15.76 18.60
N TYR A 161 12.42 -16.47 19.15
CA TYR A 161 12.96 -16.14 20.46
C TYR A 161 13.94 -14.96 20.39
N ALA A 162 14.71 -14.90 19.32
CA ALA A 162 15.59 -13.78 19.04
C ALA A 162 14.84 -12.44 18.93
N CYS A 163 13.81 -12.40 18.08
CA CYS A 163 13.25 -11.13 17.58
C CYS A 163 11.94 -10.67 18.21
N TYR A 164 11.27 -11.56 18.95
CA TYR A 164 10.03 -11.23 19.62
C TYR A 164 10.14 -11.50 21.12
N MET A 165 9.54 -10.65 21.95
CA MET A 165 9.41 -10.95 23.37
C MET A 165 8.48 -12.14 23.61
N GLU A 166 7.41 -12.18 22.82
CA GLU A 166 6.26 -13.06 23.01
C GLU A 166 6.53 -14.53 23.44
N PRO A 167 7.47 -15.23 22.79
CA PRO A 167 7.65 -16.64 23.15
C PRO A 167 8.00 -16.91 24.63
N VAL A 168 8.82 -16.07 25.24
CA VAL A 168 9.27 -16.33 26.61
C VAL A 168 8.16 -16.24 27.67
N ILE A 169 7.19 -15.36 27.49
CA ILE A 169 6.04 -15.33 28.40
C ILE A 169 4.93 -16.29 27.97
N LEU A 170 4.86 -16.61 26.67
CA LEU A 170 3.89 -17.58 26.19
C LEU A 170 4.28 -18.98 26.63
N ASP A 171 5.57 -19.15 26.89
CA ASP A 171 6.09 -20.41 27.41
C ASP A 171 5.66 -20.59 28.86
N ALA A 172 5.29 -19.51 29.51
CA ALA A 172 4.89 -19.55 30.90
C ALA A 172 3.43 -19.18 31.09
N ASN A 173 2.67 -19.22 29.99
CA ASN A 173 1.24 -18.94 30.01
C ASN A 173 0.78 -17.64 30.68
N ARG A 174 1.64 -16.63 30.69
CA ARG A 174 1.28 -15.37 31.36
C ARG A 174 0.21 -14.59 30.57
N SER A 175 -0.46 -13.65 31.21
CA SER A 175 -1.47 -12.85 30.55
C SER A 175 -0.97 -11.61 29.77
N PRO A 176 -1.56 -11.31 28.60
CA PRO A 176 -1.13 -10.13 27.83
C PRO A 176 -1.55 -8.81 28.50
N ARG A 177 -2.42 -8.90 29.51
CA ARG A 177 -2.81 -7.74 30.31
C ARG A 177 -2.31 -7.96 31.74
N ARG A 178 -1.75 -6.91 32.36
CA ARG A 178 -1.44 -6.96 33.79
C ARG A 178 -2.76 -6.93 34.52
N LEU A 179 -2.74 -7.18 35.82
CA LEU A 179 -3.97 -7.25 36.58
C LEU A 179 -4.71 -5.90 36.61
N ASP A 180 -3.96 -4.82 36.44
CA ASP A 180 -4.55 -3.50 36.35
C ASP A 180 -4.95 -3.09 34.94
N GLY A 181 -5.44 -4.06 34.15
CA GLY A 181 -5.90 -3.79 32.79
C GLY A 181 -4.85 -3.47 31.73
N SER A 182 -3.73 -2.90 32.16
CA SER A 182 -2.66 -2.48 31.25
C SER A 182 -2.17 -3.60 30.32
N LYS A 183 -2.06 -3.27 29.04
CA LYS A 183 -1.79 -4.19 27.95
C LYS A 183 -0.28 -4.16 27.61
N VAL A 184 0.37 -5.32 27.51
CA VAL A 184 1.83 -5.36 27.20
C VAL A 184 2.20 -6.01 25.85
N THR A 185 1.20 -6.36 25.05
CA THR A 185 1.41 -6.96 23.73
C THR A 185 0.12 -6.89 22.90
N SER A 186 0.21 -7.17 21.60
CA SER A 186 -0.99 -7.24 20.80
C SER A 186 -1.67 -8.57 21.13
N TYR A 187 -2.99 -8.57 21.24
CA TYR A 187 -3.68 -9.81 21.49
C TYR A 187 -5.03 -9.81 20.85
N ALA A 188 -5.51 -11.02 20.58
CA ALA A 188 -6.84 -11.26 20.06
C ALA A 188 -7.57 -12.22 20.99
N TRP A 189 -8.56 -12.93 20.46
CA TRP A 189 -9.51 -13.64 21.33
C TRP A 189 -9.77 -15.08 20.91
N HIS A 190 -10.10 -15.90 21.89
CA HIS A 190 -10.61 -17.25 21.65
C HIS A 190 -12.04 -17.26 22.21
N PHE A 191 -12.97 -17.89 21.51
CA PHE A 191 -14.36 -17.93 21.97
C PHE A 191 -15.23 -18.92 21.20
N ASP A 192 -16.34 -19.34 21.81
CA ASP A 192 -17.35 -20.13 21.12
C ASP A 192 -17.97 -19.23 20.07
N ALA A 193 -17.98 -19.66 18.82
CA ALA A 193 -18.60 -18.85 17.76
C ALA A 193 -20.09 -18.60 18.04
N HIS A 194 -20.75 -19.57 18.65
CA HIS A 194 -22.19 -19.52 18.91
C HIS A 194 -22.56 -18.36 19.83
N LEU A 195 -21.79 -18.17 20.90
CA LEU A 195 -22.09 -17.12 21.87
C LEU A 195 -21.91 -15.71 21.28
N VAL A 196 -20.94 -15.54 20.39
CA VAL A 196 -20.72 -14.27 19.71
C VAL A 196 -21.79 -14.04 18.66
N ALA A 197 -22.20 -15.10 17.97
CA ALA A 197 -23.26 -14.93 16.99
C ALA A 197 -24.59 -14.54 17.66
N ASP A 198 -24.86 -15.05 18.87
CA ASP A 198 -26.13 -14.74 19.57
C ASP A 198 -26.10 -13.38 20.23
N PHE A 199 -24.92 -12.98 20.70
CA PHE A 199 -24.70 -11.65 21.25
C PHE A 199 -25.02 -10.61 20.19
N LEU A 200 -24.66 -10.90 18.94
CA LEU A 200 -24.86 -9.97 17.83
C LEU A 200 -26.30 -9.98 17.30
N ARG A 201 -26.95 -11.15 17.33
CA ARG A 201 -28.36 -11.24 17.01
C ARG A 201 -29.20 -10.37 17.95
N ARG A 202 -28.85 -10.36 19.24
CA ARG A 202 -29.53 -9.50 20.20
C ARG A 202 -29.27 -8.05 19.80
N PHE A 203 -27.99 -7.72 19.62
CA PHE A 203 -27.55 -6.35 19.33
C PHE A 203 -28.15 -5.78 18.04
N ALA A 204 -28.11 -6.58 16.97
CA ALA A 204 -28.73 -6.18 15.72
C ALA A 204 -30.23 -5.92 15.90
N THR A 205 -30.98 -6.98 16.20
CA THR A 205 -32.43 -6.92 16.35
C THR A 205 -32.90 -5.91 17.37
N GLU A 206 -32.28 -5.91 18.55
CA GLU A 206 -32.67 -4.96 19.59
C GLU A 206 -32.23 -3.50 19.35
N LYS A 207 -30.92 -3.27 19.25
CA LYS A 207 -30.39 -1.92 19.16
C LYS A 207 -30.15 -1.34 17.76
N LEU A 208 -30.59 -2.00 16.69
CA LEU A 208 -30.38 -1.49 15.32
C LEU A 208 -31.51 -1.84 14.39
N GLY A 209 -32.63 -2.26 14.98
CA GLY A 209 -33.84 -2.52 14.22
C GLY A 209 -33.68 -3.43 13.03
N VAL A 210 -32.86 -4.47 13.15
CA VAL A 210 -32.80 -5.48 12.09
C VAL A 210 -33.95 -6.45 12.29
N ARG A 211 -34.61 -6.81 11.19
CA ARG A 211 -35.77 -7.69 11.29
C ARG A 211 -35.36 -9.17 11.19
N HIS A 212 -35.43 -9.90 12.31
CA HIS A 212 -35.18 -11.34 12.27
C HIS A 212 -36.46 -12.10 11.94
N VAL A 213 -36.41 -12.88 10.86
CA VAL A 213 -37.54 -13.65 10.38
C VAL A 213 -37.11 -15.11 10.29
N GLU A 214 -37.77 -15.99 11.03
CA GLU A 214 -37.43 -17.42 10.98
C GLU A 214 -38.15 -18.14 9.86
N ASP A 215 -37.42 -18.40 8.78
CA ASP A 215 -38.01 -19.05 7.62
C ASP A 215 -36.95 -19.64 6.69
N ARG A 216 -37.35 -20.67 5.95
CA ARG A 216 -36.44 -21.39 5.07
C ARG A 216 -36.61 -20.95 3.60
N VAL A 217 -35.51 -20.83 2.87
CA VAL A 217 -35.57 -20.38 1.48
C VAL A 217 -36.07 -21.46 0.54
N GLU A 218 -37.23 -21.24 -0.07
CA GLU A 218 -37.80 -22.17 -1.04
C GLU A 218 -37.48 -21.83 -2.49
N HIS A 219 -37.68 -20.58 -2.86
CA HIS A 219 -37.47 -20.18 -4.25
C HIS A 219 -36.87 -18.78 -4.42
N VAL A 220 -35.85 -18.67 -5.26
CA VAL A 220 -35.24 -17.38 -5.62
C VAL A 220 -35.68 -16.91 -7.02
N GLN A 221 -36.29 -15.73 -7.10
CA GLN A 221 -36.80 -15.21 -8.38
C GLN A 221 -35.86 -14.17 -9.00
N ARG A 222 -35.39 -14.43 -10.22
CA ARG A 222 -34.53 -13.47 -10.89
C ARG A 222 -35.21 -12.74 -12.05
N ASP A 223 -34.74 -11.52 -12.31
CA ASP A 223 -35.20 -10.75 -13.47
C ASP A 223 -34.28 -11.04 -14.67
N ALA A 224 -34.52 -10.37 -15.80
CA ALA A 224 -33.82 -10.70 -17.04
C ALA A 224 -32.42 -10.10 -17.11
N ASN A 225 -32.10 -9.27 -16.11
CA ASN A 225 -30.75 -8.79 -15.91
C ASN A 225 -30.02 -9.73 -14.94
N GLY A 226 -30.60 -10.91 -14.75
CA GLY A 226 -30.07 -11.92 -13.87
C GLY A 226 -30.00 -11.52 -12.40
N ASN A 227 -30.55 -10.37 -12.03
CA ASN A 227 -30.53 -9.95 -10.64
C ASN A 227 -31.61 -10.64 -9.85
N ILE A 228 -31.42 -10.74 -8.55
CA ILE A 228 -32.49 -11.31 -7.74
C ILE A 228 -33.62 -10.28 -7.59
N GLU A 229 -34.85 -10.74 -7.77
CA GLU A 229 -36.05 -9.92 -7.57
C GLU A 229 -36.54 -10.07 -6.14
N SER A 230 -36.73 -11.34 -5.75
CA SER A 230 -37.29 -11.71 -4.45
C SER A 230 -36.83 -13.12 -4.08
N VAL A 231 -36.82 -13.41 -2.78
CA VAL A 231 -36.73 -14.81 -2.35
C VAL A 231 -38.06 -15.20 -1.70
N ARG A 232 -38.57 -16.37 -2.08
CA ARG A 232 -39.83 -16.89 -1.57
C ARG A 232 -39.58 -18.02 -0.59
N THR A 233 -40.05 -17.84 0.64
CA THR A 233 -39.79 -18.80 1.68
C THR A 233 -40.81 -19.93 1.71
N ALA A 234 -40.53 -20.96 2.50
CA ALA A 234 -41.38 -22.14 2.55
C ALA A 234 -42.77 -21.85 3.16
N THR A 235 -42.89 -20.83 4.00
CA THR A 235 -44.19 -20.46 4.55
C THR A 235 -45.04 -19.76 3.50
N GLY A 236 -44.45 -19.52 2.34
CA GLY A 236 -45.14 -18.87 1.23
C GLY A 236 -44.94 -17.37 1.05
N ARG A 237 -44.18 -16.77 1.97
CA ARG A 237 -43.89 -15.33 1.90
C ARG A 237 -42.82 -15.03 0.84
N VAL A 238 -42.91 -13.83 0.25
CA VAL A 238 -41.82 -13.32 -0.59
C VAL A 238 -41.18 -12.09 0.03
N PHE A 239 -39.85 -12.08 0.02
CA PHE A 239 -39.11 -10.93 0.48
C PHE A 239 -38.38 -10.36 -0.72
N ASP A 240 -38.54 -9.06 -0.92
CA ASP A 240 -37.82 -8.36 -1.99
C ASP A 240 -36.93 -7.29 -1.39
N ALA A 241 -35.84 -7.01 -2.08
CA ALA A 241 -34.90 -6.02 -1.60
C ALA A 241 -34.12 -5.52 -2.80
N ASP A 242 -33.44 -4.39 -2.64
CA ASP A 242 -32.60 -3.86 -3.70
C ASP A 242 -31.27 -4.63 -3.77
N LEU A 243 -30.81 -5.06 -2.60
CA LEU A 243 -29.53 -5.74 -2.49
C LEU A 243 -29.67 -7.00 -1.66
N PHE A 244 -29.11 -8.10 -2.14
CA PHE A 244 -29.15 -9.36 -1.40
C PHE A 244 -27.77 -9.81 -0.90
N VAL A 245 -27.66 -10.07 0.40
CA VAL A 245 -26.44 -10.57 1.03
C VAL A 245 -26.55 -12.06 1.34
N ASP A 246 -25.77 -12.90 0.65
CA ASP A 246 -25.80 -14.35 0.82
C ASP A 246 -24.89 -14.76 1.96
N CYS A 247 -25.50 -15.12 3.09
CA CYS A 247 -24.76 -15.58 4.26
C CYS A 247 -25.14 -17.02 4.64
N SER A 248 -25.42 -17.83 3.63
CA SER A 248 -25.89 -19.19 3.81
C SER A 248 -24.79 -20.25 3.95
N GLY A 249 -23.53 -19.83 4.09
CA GLY A 249 -22.44 -20.77 4.23
C GLY A 249 -22.16 -21.58 2.97
N PHE A 250 -21.59 -22.78 3.14
CA PHE A 250 -21.14 -23.60 2.00
C PHE A 250 -22.21 -23.87 0.93
N ARG A 251 -23.48 -23.87 1.33
CA ARG A 251 -24.58 -24.18 0.42
C ARG A 251 -24.71 -23.13 -0.67
N GLY A 252 -24.36 -21.89 -0.33
CA GLY A 252 -24.40 -20.75 -1.24
C GLY A 252 -25.73 -20.66 -1.94
N LEU A 253 -26.78 -20.43 -1.15
CA LEU A 253 -28.16 -20.55 -1.65
C LEU A 253 -28.47 -19.57 -2.74
N LEU A 254 -27.91 -18.36 -2.63
CA LEU A 254 -28.05 -17.30 -3.64
C LEU A 254 -26.89 -17.21 -4.67
N ILE A 255 -25.67 -16.95 -4.20
CA ILE A 255 -24.55 -16.75 -5.11
C ILE A 255 -24.26 -17.98 -6.01
N ASN A 256 -24.31 -19.18 -5.47
CA ASN A 256 -23.94 -20.36 -6.27
C ASN A 256 -25.15 -21.05 -6.89
N LYS A 257 -26.20 -21.21 -6.10
CA LYS A 257 -27.38 -21.92 -6.58
C LYS A 257 -28.34 -21.06 -7.42
N ALA A 258 -28.62 -19.83 -7.00
CA ALA A 258 -29.46 -18.94 -7.81
C ALA A 258 -28.68 -18.29 -8.97
N MET A 259 -27.70 -17.45 -8.62
CA MET A 259 -26.92 -16.71 -9.62
C MET A 259 -26.04 -17.61 -10.48
N GLU A 260 -25.92 -18.87 -10.10
CA GLU A 260 -25.15 -19.84 -10.86
C GLU A 260 -23.70 -19.43 -11.06
N GLU A 261 -23.16 -18.60 -10.17
CA GLU A 261 -21.75 -18.24 -10.22
C GLU A 261 -20.92 -19.44 -9.80
N PRO A 262 -19.91 -19.81 -10.61
CA PRO A 262 -19.15 -21.03 -10.30
C PRO A 262 -18.22 -20.88 -9.09
N PHE A 263 -17.87 -22.02 -8.51
CA PHE A 263 -16.97 -22.03 -7.37
C PHE A 263 -15.59 -22.53 -7.83
N LEU A 264 -14.54 -21.89 -7.36
CA LEU A 264 -13.19 -22.35 -7.67
C LEU A 264 -12.59 -23.22 -6.57
N ASP A 265 -12.59 -24.54 -6.82
CA ASP A 265 -11.95 -25.52 -5.96
C ASP A 265 -10.42 -25.32 -5.98
N MET A 266 -9.83 -25.11 -4.82
CA MET A 266 -8.42 -24.71 -4.77
C MET A 266 -7.49 -25.86 -4.45
N SER A 267 -7.93 -27.09 -4.72
CA SER A 267 -7.24 -28.27 -4.21
C SER A 267 -5.95 -28.64 -4.94
N ASP A 268 -5.50 -27.79 -5.84
CA ASP A 268 -4.15 -27.94 -6.38
C ASP A 268 -3.14 -27.17 -5.51
N HIS A 269 -3.66 -26.44 -4.51
CA HIS A 269 -2.85 -25.78 -3.50
C HIS A 269 -3.19 -26.21 -2.07
N LEU A 270 -4.45 -26.57 -1.84
CA LEU A 270 -4.92 -26.87 -0.50
C LEU A 270 -5.51 -28.28 -0.35
N LEU A 271 -4.73 -29.19 0.24
CA LEU A 271 -5.14 -30.60 0.35
C LEU A 271 -6.15 -30.88 1.44
N ASN A 272 -6.17 -30.06 2.49
CA ASN A 272 -7.10 -30.24 3.59
C ASN A 272 -8.52 -29.83 3.20
N ASP A 273 -9.57 -30.81 3.42
CA ASP A 273 -10.98 -30.57 3.14
C ASP A 273 -12.00 -31.07 4.17
N SER A 274 -11.51 -31.98 4.99
CA SER A 274 -12.35 -32.58 6.03
C SER A 274 -11.85 -32.17 7.41
N ALA A 275 -12.59 -32.57 8.44
CA ALA A 275 -12.22 -32.24 9.82
C ALA A 275 -13.16 -32.87 10.83
N VAL A 276 -12.62 -33.24 12.00
CA VAL A 276 -13.41 -33.84 13.05
C VAL A 276 -13.05 -33.12 14.33
N ALA A 277 -14.06 -32.50 14.94
CA ALA A 277 -13.86 -31.61 16.08
C ALA A 277 -14.82 -31.89 17.24
N THR A 278 -14.46 -31.39 18.43
CA THR A 278 -15.24 -31.58 19.66
C THR A 278 -14.91 -30.45 20.62
N GLN A 279 -15.55 -30.45 21.80
CA GLN A 279 -15.17 -29.54 22.88
C GLN A 279 -14.75 -30.34 24.11
N VAL A 280 -13.70 -29.91 24.81
CA VAL A 280 -13.14 -30.72 25.90
C VAL A 280 -13.15 -30.01 27.26
N PRO A 281 -13.70 -30.66 28.30
CA PRO A 281 -13.69 -30.01 29.61
C PRO A 281 -12.26 -29.83 30.12
N HIS A 282 -11.92 -28.63 30.60
CA HIS A 282 -10.59 -28.32 31.13
C HIS A 282 -10.63 -27.79 32.58
N ASP A 283 -9.75 -28.29 33.43
CA ASP A 283 -9.64 -27.79 34.80
C ASP A 283 -8.66 -26.62 34.87
N ASP A 284 -9.16 -25.41 34.61
CA ASP A 284 -8.33 -24.20 34.62
C ASP A 284 -7.52 -23.98 35.90
N ASP A 285 -8.09 -24.27 37.07
CA ASP A 285 -7.38 -23.99 38.32
C ASP A 285 -6.17 -24.90 38.45
N ALA A 286 -6.26 -26.10 37.86
CA ALA A 286 -5.21 -27.09 38.01
C ALA A 286 -4.06 -26.93 37.01
N ASN A 287 -4.39 -26.59 35.76
CA ASN A 287 -3.40 -26.53 34.67
C ASN A 287 -3.18 -25.12 34.10
N GLY A 288 -4.14 -24.22 34.36
CA GLY A 288 -4.07 -22.87 33.82
C GLY A 288 -4.63 -22.79 32.41
N VAL A 289 -4.66 -21.58 31.85
CA VAL A 289 -5.12 -21.39 30.49
C VAL A 289 -3.95 -20.95 29.58
N GLU A 290 -3.82 -21.59 28.41
CA GLU A 290 -2.83 -21.18 27.41
C GLU A 290 -3.22 -19.87 26.68
N PRO A 291 -2.34 -18.86 26.72
CA PRO A 291 -2.58 -17.59 26.03
C PRO A 291 -2.31 -17.68 24.54
N PHE A 292 -2.55 -18.84 23.94
CA PHE A 292 -2.33 -18.98 22.51
C PHE A 292 -3.15 -20.09 21.87
N THR A 293 -3.37 -19.97 20.56
CA THR A 293 -3.90 -21.06 19.75
C THR A 293 -2.76 -22.05 19.46
N SER A 294 -3.08 -23.35 19.36
CA SER A 294 -2.08 -24.35 19.03
C SER A 294 -2.41 -24.99 17.69
N ALA A 295 -1.40 -25.11 16.85
CA ALA A 295 -1.54 -25.81 15.59
C ALA A 295 -0.63 -27.02 15.65
N ILE A 296 -1.20 -28.19 15.94
CA ILE A 296 -0.46 -29.42 16.18
C ILE A 296 -0.44 -30.33 14.95
N ALA A 297 0.75 -30.58 14.40
CA ALA A 297 0.86 -31.34 13.16
C ALA A 297 0.51 -32.81 13.32
N MET A 298 -0.44 -33.27 12.50
CA MET A 298 -0.83 -34.69 12.45
C MET A 298 -0.28 -35.40 11.22
N LYS A 299 -0.60 -36.68 11.06
CA LYS A 299 -0.05 -37.43 9.95
C LYS A 299 -0.67 -37.02 8.62
N SER A 300 -1.95 -36.69 8.64
CA SER A 300 -2.65 -36.27 7.41
C SER A 300 -3.35 -34.92 7.52
N GLY A 301 -2.76 -34.03 8.32
CA GLY A 301 -3.27 -32.68 8.55
C GLY A 301 -2.69 -32.04 9.80
N TRP A 302 -3.54 -31.40 10.58
CA TRP A 302 -3.09 -30.77 11.81
C TRP A 302 -4.30 -30.61 12.74
N THR A 303 -4.08 -30.49 14.05
CA THR A 303 -5.18 -30.32 15.01
C THR A 303 -5.14 -28.94 15.67
N TRP A 304 -6.23 -28.20 15.61
CA TRP A 304 -6.24 -26.94 16.34
C TRP A 304 -6.56 -27.19 17.80
N LYS A 305 -6.04 -26.30 18.64
CA LYS A 305 -6.43 -26.23 20.02
C LYS A 305 -6.77 -24.78 20.32
N ILE A 306 -7.99 -24.55 20.80
CA ILE A 306 -8.45 -23.20 21.10
C ILE A 306 -8.97 -23.11 22.54
N PRO A 307 -8.08 -22.74 23.49
CA PRO A 307 -8.38 -22.60 24.92
C PRO A 307 -9.52 -21.62 25.17
N MET A 308 -10.46 -22.02 26.01
CA MET A 308 -11.51 -21.11 26.49
C MET A 308 -11.62 -21.20 28.03
N LEU A 309 -12.73 -20.72 28.59
CA LEU A 309 -12.94 -20.79 30.05
C LEU A 309 -13.48 -22.16 30.51
N GLY A 310 -12.66 -22.90 31.23
CA GLY A 310 -13.00 -24.24 31.69
C GLY A 310 -13.06 -25.25 30.54
N ARG A 311 -12.96 -24.76 29.31
CA ARG A 311 -12.98 -25.54 28.11
C ARG A 311 -11.92 -25.32 27.10
N PHE A 312 -11.75 -26.26 26.17
CA PHE A 312 -10.95 -26.00 24.99
C PHE A 312 -11.59 -26.65 23.75
N GLY A 313 -11.61 -25.89 22.66
CA GLY A 313 -12.09 -26.43 21.41
C GLY A 313 -10.93 -27.18 20.79
N THR A 314 -11.24 -28.24 20.05
CA THR A 314 -10.19 -28.92 19.32
C THR A 314 -10.75 -29.61 18.09
N GLY A 315 -10.01 -29.53 17.00
CA GLY A 315 -10.43 -30.12 15.74
C GLY A 315 -9.27 -30.50 14.86
N TYR A 316 -9.30 -31.72 14.35
CA TYR A 316 -8.28 -32.23 13.46
C TYR A 316 -8.72 -31.91 12.04
N VAL A 317 -8.03 -30.97 11.40
CA VAL A 317 -8.24 -30.70 10.00
C VAL A 317 -7.43 -31.73 9.21
N TYR A 318 -8.07 -32.44 8.27
CA TYR A 318 -7.38 -33.49 7.47
C TYR A 318 -7.76 -33.50 6.01
N SER A 319 -6.99 -34.25 5.22
CA SER A 319 -7.22 -34.38 3.79
C SER A 319 -7.84 -35.72 3.43
N SER A 320 -9.08 -35.71 2.94
CA SER A 320 -9.81 -36.95 2.67
C SER A 320 -9.10 -37.77 1.59
N ARG A 321 -8.18 -37.13 0.89
CA ARG A 321 -7.35 -37.81 -0.08
C ARG A 321 -6.38 -38.78 0.63
N PHE A 322 -6.08 -38.55 1.91
CA PHE A 322 -5.07 -39.35 2.64
C PHE A 322 -5.56 -39.99 3.94
N ALA A 323 -6.69 -39.52 4.45
CA ALA A 323 -7.27 -40.14 5.63
C ALA A 323 -8.76 -40.34 5.44
N THR A 324 -9.26 -41.52 5.77
CA THR A 324 -10.70 -41.74 5.77
C THR A 324 -11.33 -41.04 6.98
N GLU A 325 -12.65 -40.86 6.96
CA GLU A 325 -13.30 -40.22 8.09
C GLU A 325 -13.05 -41.00 9.37
N ASP A 326 -12.92 -42.32 9.26
CA ASP A 326 -12.75 -43.14 10.45
C ASP A 326 -11.33 -43.03 10.99
N GLU A 327 -10.37 -43.10 10.07
CA GLU A 327 -8.99 -42.93 10.45
C GLU A 327 -8.78 -41.58 11.12
N ALA A 328 -9.47 -40.55 10.66
CA ALA A 328 -9.33 -39.22 11.26
C ALA A 328 -9.96 -39.19 12.62
N VAL A 329 -11.03 -39.95 12.80
CA VAL A 329 -11.68 -39.99 14.09
C VAL A 329 -10.83 -40.74 15.11
N ARG A 330 -10.28 -41.89 14.70
CA ARG A 330 -9.38 -42.66 15.56
C ARG A 330 -8.14 -41.83 15.98
N GLU A 331 -7.44 -41.28 15.00
CA GLU A 331 -6.24 -40.47 15.25
C GLU A 331 -6.50 -39.30 16.21
N PHE A 332 -7.64 -38.63 16.02
CA PHE A 332 -8.01 -37.45 16.77
C PHE A 332 -8.40 -37.86 18.17
N CYS A 333 -9.21 -38.91 18.25
CA CYS A 333 -9.67 -39.36 19.56
C CYS A 333 -8.54 -39.92 20.42
N GLU A 334 -7.64 -40.71 19.82
CA GLU A 334 -6.50 -41.26 20.55
C GLU A 334 -5.63 -40.14 21.15
N MET A 335 -5.46 -39.08 20.36
CA MET A 335 -4.62 -37.94 20.69
C MET A 335 -5.02 -37.28 22.00
N TRP A 336 -6.34 -37.23 22.22
CA TRP A 336 -6.89 -36.52 23.37
C TRP A 336 -7.42 -37.51 24.40
N HIS A 337 -7.20 -38.79 24.14
CA HIS A 337 -7.63 -39.87 25.02
C HIS A 337 -9.13 -39.83 25.25
N LEU A 338 -9.87 -39.89 24.13
CA LEU A 338 -11.32 -39.86 24.13
C LEU A 338 -11.84 -41.13 23.45
N ASP A 339 -13.12 -41.44 23.70
CA ASP A 339 -13.78 -42.65 23.21
C ASP A 339 -14.45 -42.34 21.88
N PRO A 340 -13.96 -42.94 20.78
CA PRO A 340 -14.56 -42.75 19.46
C PRO A 340 -16.02 -43.20 19.39
N GLU A 341 -16.44 -43.95 20.41
CA GLU A 341 -17.79 -44.49 20.46
C GLU A 341 -18.72 -43.75 21.42
N THR A 342 -18.22 -42.75 22.15
CA THR A 342 -19.07 -42.07 23.13
C THR A 342 -18.89 -40.57 23.12
N GLN A 343 -17.80 -40.11 22.53
CA GLN A 343 -17.46 -38.70 22.56
C GLN A 343 -18.28 -37.96 21.51
N PRO A 344 -19.03 -36.93 21.93
CA PRO A 344 -19.74 -36.13 20.92
C PRO A 344 -18.76 -35.51 19.91
N LEU A 345 -18.90 -35.85 18.64
CA LEU A 345 -18.00 -35.31 17.61
C LEU A 345 -18.75 -34.64 16.48
N ASN A 346 -18.20 -33.56 15.96
CA ASN A 346 -18.66 -33.00 14.68
C ASN A 346 -17.79 -33.45 13.52
N ARG A 347 -18.37 -34.16 12.57
CA ARG A 347 -17.69 -34.48 11.32
C ARG A 347 -18.08 -33.45 10.23
N ILE A 348 -17.09 -32.75 9.67
CA ILE A 348 -17.35 -31.69 8.70
C ILE A 348 -16.63 -31.93 7.37
N ARG A 349 -17.35 -31.82 6.25
CA ARG A 349 -16.70 -31.73 4.95
C ARG A 349 -16.73 -30.27 4.52
N PHE A 350 -15.54 -29.68 4.38
CA PHE A 350 -15.39 -28.26 4.09
C PHE A 350 -15.60 -28.02 2.60
N ARG A 351 -15.92 -26.77 2.25
CA ARG A 351 -15.82 -26.33 0.87
C ARG A 351 -14.67 -25.35 0.79
N VAL A 352 -13.56 -25.79 0.18
CA VAL A 352 -12.33 -25.02 0.19
C VAL A 352 -12.14 -24.34 -1.15
N GLY A 353 -11.88 -23.04 -1.11
CA GLY A 353 -11.76 -22.25 -2.32
C GLY A 353 -12.56 -20.96 -2.22
N ARG A 354 -12.94 -20.43 -3.36
CA ARG A 354 -13.74 -19.22 -3.39
C ARG A 354 -14.60 -19.17 -4.65
N ASN A 355 -15.58 -18.28 -4.68
CA ASN A 355 -16.33 -18.10 -5.90
C ASN A 355 -15.46 -17.44 -6.97
N ARG A 356 -15.85 -17.56 -8.23
CA ARG A 356 -15.14 -16.89 -9.29
C ARG A 356 -15.25 -15.37 -9.08
N ARG A 357 -16.40 -14.92 -8.61
CA ARG A 357 -16.59 -13.53 -8.20
C ARG A 357 -17.43 -13.53 -6.93
N ALA A 358 -17.06 -12.69 -5.96
CA ALA A 358 -17.74 -12.67 -4.67
C ALA A 358 -19.13 -12.01 -4.76
N TRP A 359 -19.28 -11.07 -5.69
CA TRP A 359 -20.48 -10.25 -5.82
C TRP A 359 -20.91 -10.23 -7.29
N VAL A 360 -22.10 -10.74 -7.56
CA VAL A 360 -22.64 -10.78 -8.91
C VAL A 360 -23.99 -10.11 -8.91
N GLY A 361 -24.10 -9.00 -9.64
CA GLY A 361 -25.37 -8.33 -9.81
C GLY A 361 -25.70 -7.57 -8.55
N ASN A 362 -26.90 -7.82 -8.03
CA ASN A 362 -27.34 -7.27 -6.76
C ASN A 362 -27.11 -8.24 -5.59
N CYS A 363 -26.34 -9.30 -5.85
CA CYS A 363 -26.07 -10.36 -4.87
C CYS A 363 -24.63 -10.34 -4.36
N VAL A 364 -24.45 -10.04 -3.07
CA VAL A 364 -23.12 -9.96 -2.44
C VAL A 364 -22.89 -11.14 -1.52
N SER A 365 -21.69 -11.71 -1.49
CA SER A 365 -21.46 -12.84 -0.58
C SER A 365 -20.47 -12.56 0.56
N ILE A 366 -20.85 -13.06 1.73
CA ILE A 366 -20.15 -12.83 2.98
C ILE A 366 -20.06 -14.17 3.71
N GLY A 367 -18.91 -14.45 4.29
CA GLY A 367 -18.74 -15.68 5.05
C GLY A 367 -18.31 -16.83 4.18
N THR A 368 -18.65 -18.05 4.62
CA THR A 368 -18.17 -19.23 3.91
C THR A 368 -18.86 -19.48 2.55
N SER A 369 -19.88 -18.67 2.23
CA SER A 369 -20.56 -18.74 0.95
C SER A 369 -19.71 -18.07 -0.12
N SER A 370 -18.81 -17.20 0.34
CA SER A 370 -17.91 -16.46 -0.52
C SER A 370 -16.60 -17.23 -0.75
N CYS A 371 -16.00 -17.70 0.34
CA CYS A 371 -14.73 -18.42 0.31
C CYS A 371 -14.44 -19.06 1.66
N PHE A 372 -13.60 -20.09 1.66
CA PHE A 372 -13.18 -20.71 2.91
C PHE A 372 -11.83 -21.41 2.75
N VAL A 373 -10.96 -21.18 3.74
CA VAL A 373 -9.69 -21.87 3.82
C VAL A 373 -9.70 -22.42 5.24
N GLU A 374 -9.04 -23.55 5.46
CA GLU A 374 -8.85 -24.11 6.80
C GLU A 374 -8.35 -23.05 7.79
N PRO A 375 -8.69 -23.20 9.07
CA PRO A 375 -8.39 -22.14 10.05
C PRO A 375 -6.97 -22.10 10.67
N LEU A 376 -5.95 -22.33 9.84
CA LEU A 376 -4.55 -22.41 10.26
C LEU A 376 -4.01 -21.06 10.66
N GLU A 377 -4.51 -20.02 10.01
CA GLU A 377 -4.04 -18.69 10.36
C GLU A 377 -5.15 -17.77 10.85
N SER A 378 -6.20 -18.37 11.41
CA SER A 378 -7.29 -17.66 12.05
C SER A 378 -7.89 -16.54 11.20
N THR A 379 -8.37 -16.90 10.01
CA THR A 379 -8.91 -15.90 9.08
C THR A 379 -10.42 -16.04 8.81
N GLY A 380 -11.07 -16.96 9.50
CA GLY A 380 -12.49 -17.18 9.25
C GLY A 380 -13.36 -15.97 9.50
N ILE A 381 -13.30 -15.44 10.72
CA ILE A 381 -14.03 -14.24 11.09
C ILE A 381 -13.47 -12.98 10.40
N TYR A 382 -12.13 -12.87 10.31
CA TYR A 382 -11.49 -11.78 9.60
C TYR A 382 -12.08 -11.55 8.21
N PHE A 383 -12.17 -12.61 7.42
CA PHE A 383 -12.76 -12.57 6.09
C PHE A 383 -14.18 -11.96 6.09
N VAL A 384 -14.94 -12.19 7.16
CA VAL A 384 -16.32 -11.65 7.22
C VAL A 384 -16.28 -10.14 7.36
N TYR A 385 -15.60 -9.64 8.39
CA TYR A 385 -15.56 -8.20 8.59
C TYR A 385 -14.66 -7.46 7.58
N ALA A 386 -13.75 -8.18 6.93
CA ALA A 386 -12.97 -7.59 5.85
C ALA A 386 -13.88 -7.28 4.67
N ALA A 387 -14.66 -8.27 4.24
CA ALA A 387 -15.58 -8.11 3.13
C ALA A 387 -16.65 -7.06 3.40
N LEU A 388 -17.11 -6.95 4.65
CA LEU A 388 -18.14 -5.98 4.98
C LEU A 388 -17.57 -4.57 4.88
N TYR A 389 -16.40 -4.35 5.48
CA TYR A 389 -15.68 -3.10 5.28
C TYR A 389 -15.61 -2.74 3.79
N GLN A 390 -15.20 -3.71 2.96
CA GLN A 390 -15.11 -3.50 1.51
C GLN A 390 -16.48 -3.31 0.83
N LEU A 391 -17.52 -3.95 1.35
CA LEU A 391 -18.86 -3.77 0.80
C LEU A 391 -19.38 -2.37 1.11
N VAL A 392 -19.16 -1.89 2.34
CA VAL A 392 -19.62 -0.56 2.70
C VAL A 392 -18.84 0.45 1.88
N LYS A 393 -17.52 0.25 1.80
CA LYS A 393 -16.64 1.15 1.05
C LYS A 393 -17.04 1.25 -0.42
N HIS A 394 -17.35 0.10 -1.03
CA HIS A 394 -17.75 0.02 -2.43
C HIS A 394 -19.26 -0.06 -2.59
N PHE A 395 -19.99 0.51 -1.65
CA PHE A 395 -21.45 0.39 -1.63
C PHE A 395 -22.11 1.10 -2.82
N PRO A 396 -23.15 0.46 -3.40
CA PRO A 396 -23.89 0.97 -4.56
C PRO A 396 -25.14 1.80 -4.28
N ASP A 397 -25.67 2.40 -5.34
CA ASP A 397 -27.02 2.96 -5.36
C ASP A 397 -27.78 2.00 -6.27
N LYS A 398 -29.01 2.33 -6.66
CA LYS A 398 -29.79 1.35 -7.44
C LYS A 398 -29.25 1.14 -8.86
N SER A 399 -28.40 2.03 -9.34
CA SER A 399 -27.84 1.87 -10.68
C SER A 399 -26.81 0.73 -10.73
N LEU A 400 -26.25 0.41 -9.55
CA LEU A 400 -25.33 -0.73 -9.37
C LEU A 400 -24.13 -0.63 -10.28
N ASN A 401 -23.42 0.50 -10.23
CA ASN A 401 -22.26 0.73 -11.09
C ASN A 401 -21.37 -0.51 -11.03
N PRO A 402 -20.99 -1.05 -12.21
CA PRO A 402 -20.17 -2.27 -12.27
C PRO A 402 -18.78 -2.12 -11.66
N VAL A 403 -18.20 -0.92 -11.73
CA VAL A 403 -16.87 -0.68 -11.22
C VAL A 403 -16.79 -1.00 -9.74
N LEU A 404 -17.87 -0.68 -9.01
CA LEU A 404 -17.91 -0.93 -7.57
C LEU A 404 -17.89 -2.42 -7.31
N THR A 405 -18.72 -3.16 -8.05
CA THR A 405 -18.76 -4.62 -7.97
C THR A 405 -17.41 -5.28 -8.28
N ALA A 406 -16.75 -4.82 -9.34
CA ALA A 406 -15.48 -5.41 -9.79
C ALA A 406 -14.34 -5.15 -8.81
N ARG A 407 -14.26 -3.91 -8.37
CA ARG A 407 -13.22 -3.48 -7.46
C ARG A 407 -13.38 -4.19 -6.13
N PHE A 408 -14.63 -4.49 -5.77
CA PHE A 408 -14.92 -5.29 -4.58
C PHE A 408 -14.45 -6.71 -4.79
N ASN A 409 -14.83 -7.32 -5.92
CA ASN A 409 -14.46 -8.69 -6.21
C ASN A 409 -12.95 -8.84 -6.27
N ARG A 410 -12.30 -7.76 -6.69
CA ARG A 410 -10.85 -7.69 -6.79
C ARG A 410 -10.18 -7.79 -5.42
N GLU A 411 -10.65 -7.00 -4.44
CA GLU A 411 -10.12 -7.06 -3.07
C GLU A 411 -10.37 -8.41 -2.39
N ILE A 412 -11.61 -8.90 -2.46
CA ILE A 412 -11.95 -10.20 -1.92
C ILE A 412 -11.16 -11.32 -2.58
N GLU A 413 -10.86 -11.14 -3.85
CA GLU A 413 -10.05 -12.12 -4.59
C GLU A 413 -8.57 -12.17 -4.15
N THR A 414 -7.97 -11.02 -3.88
CA THR A 414 -6.56 -10.99 -3.52
C THR A 414 -6.41 -11.31 -2.04
N MET A 415 -7.41 -10.95 -1.24
CA MET A 415 -7.42 -11.26 0.19
C MET A 415 -7.44 -12.77 0.39
N PHE A 416 -8.27 -13.46 -0.39
CA PHE A 416 -8.30 -14.91 -0.34
C PHE A 416 -7.02 -15.58 -0.89
N ASP A 417 -6.70 -15.32 -2.16
CA ASP A 417 -5.55 -15.99 -2.81
C ASP A 417 -4.21 -15.79 -2.08
N ASP A 418 -3.98 -14.59 -1.54
CA ASP A 418 -2.82 -14.34 -0.68
C ASP A 418 -2.76 -15.28 0.52
N THR A 419 -3.88 -15.35 1.24
CA THR A 419 -4.05 -16.21 2.39
C THR A 419 -3.92 -17.66 2.00
N ARG A 420 -4.46 -18.01 0.84
CA ARG A 420 -4.33 -19.38 0.36
C ARG A 420 -2.87 -19.70 0.15
N ASP A 421 -2.16 -18.80 -0.52
CA ASP A 421 -0.74 -19.00 -0.80
C ASP A 421 0.08 -19.13 0.47
N PHE A 422 -0.30 -18.38 1.49
CA PHE A 422 0.43 -18.36 2.76
C PHE A 422 0.20 -19.67 3.51
N ILE A 423 -1.06 -20.13 3.54
CA ILE A 423 -1.43 -21.39 4.20
C ILE A 423 -0.69 -22.56 3.54
N GLN A 424 -0.74 -22.61 2.21
CA GLN A 424 -0.01 -23.65 1.50
C GLN A 424 1.48 -23.69 1.88
N ALA A 425 2.12 -22.53 2.06
CA ALA A 425 3.55 -22.49 2.40
C ALA A 425 3.85 -23.12 3.75
N HIS A 426 2.84 -23.19 4.63
CA HIS A 426 3.00 -23.88 5.92
C HIS A 426 3.28 -25.35 5.67
N PHE A 427 2.67 -25.95 4.64
CA PHE A 427 2.80 -27.40 4.42
C PHE A 427 3.94 -27.69 3.45
N TYR A 428 4.10 -26.80 2.48
CA TYR A 428 5.10 -26.94 1.45
C TYR A 428 6.50 -26.99 2.06
N PHE A 429 6.77 -26.05 2.97
CA PHE A 429 8.09 -25.83 3.53
C PHE A 429 8.38 -26.54 4.85
N SER A 430 7.41 -27.33 5.32
CA SER A 430 7.70 -28.26 6.42
C SER A 430 8.77 -29.25 5.96
N PRO A 431 9.71 -29.59 6.86
CA PRO A 431 10.70 -30.62 6.52
C PRO A 431 10.15 -32.05 6.51
N ARG A 432 8.94 -32.28 7.05
CA ARG A 432 8.42 -33.63 7.25
C ARG A 432 8.27 -34.38 5.93
N THR A 433 8.56 -35.68 5.96
CA THR A 433 8.39 -36.56 4.79
C THR A 433 7.82 -37.92 5.18
N ASP A 434 7.41 -38.05 6.43
CA ASP A 434 7.09 -39.36 6.99
C ASP A 434 5.83 -40.01 6.46
N THR A 435 4.80 -39.21 6.22
CA THR A 435 3.52 -39.76 5.80
C THR A 435 3.26 -39.39 4.36
N PRO A 436 2.41 -40.19 3.67
CA PRO A 436 1.97 -39.86 2.32
C PRO A 436 1.56 -38.39 2.22
N PHE A 437 0.75 -37.93 3.18
CA PHE A 437 0.32 -36.54 3.22
C PHE A 437 1.47 -35.54 3.07
N TRP A 438 2.50 -35.63 3.92
CA TRP A 438 3.58 -34.64 3.98
C TRP A 438 4.47 -34.66 2.74
N ARG A 439 4.67 -35.85 2.18
CA ARG A 439 5.44 -36.02 0.96
C ARG A 439 4.69 -35.39 -0.21
N ALA A 440 3.36 -35.50 -0.17
CA ALA A 440 2.49 -35.14 -1.29
C ALA A 440 2.35 -33.63 -1.43
N ASN A 441 2.36 -32.92 -0.30
CA ASN A 441 2.28 -31.48 -0.29
C ASN A 441 3.45 -30.84 -1.00
N LYS A 442 4.50 -31.61 -1.23
CA LYS A 442 5.71 -31.12 -1.84
C LYS A 442 5.67 -31.32 -3.35
N ASP A 443 4.76 -32.17 -3.80
CA ASP A 443 4.49 -32.34 -5.24
C ASP A 443 3.51 -31.29 -5.78
N LEU A 444 2.79 -30.63 -4.89
CA LEU A 444 1.96 -29.50 -5.27
C LEU A 444 2.82 -28.31 -5.68
N ARG A 445 2.31 -27.52 -6.63
CA ARG A 445 3.01 -26.32 -7.05
C ARG A 445 2.51 -25.14 -6.24
N LEU A 446 3.41 -24.19 -5.99
CA LEU A 446 3.05 -22.93 -5.37
C LEU A 446 2.50 -22.02 -6.46
N ALA A 447 1.57 -21.13 -6.11
CA ALA A 447 1.09 -20.16 -7.09
C ALA A 447 2.26 -19.21 -7.49
N ASP A 448 2.24 -18.70 -8.72
CA ASP A 448 3.29 -17.83 -9.23
C ASP A 448 3.58 -16.62 -8.33
N GLY A 449 2.53 -16.03 -7.77
CA GLY A 449 2.70 -14.92 -6.85
C GLY A 449 3.41 -15.32 -5.58
N MET A 450 3.13 -16.53 -5.08
CA MET A 450 3.80 -17.07 -3.89
C MET A 450 5.27 -17.37 -4.16
N GLN A 451 5.55 -17.95 -5.33
CA GLN A 451 6.90 -18.28 -5.71
C GLN A 451 7.74 -17.03 -5.73
N GLU A 452 7.18 -15.94 -6.23
CA GLU A 452 7.91 -14.67 -6.27
C GLU A 452 8.26 -14.18 -4.86
N LYS A 453 7.34 -14.33 -3.91
CA LYS A 453 7.61 -13.94 -2.54
C LYS A 453 8.76 -14.79 -2.02
N ILE A 454 8.65 -16.11 -2.15
CA ILE A 454 9.72 -17.05 -1.80
C ILE A 454 11.08 -16.72 -2.46
N ASP A 455 11.07 -16.32 -3.72
CA ASP A 455 12.30 -15.88 -4.42
C ASP A 455 12.92 -14.66 -3.76
N MET A 456 12.04 -13.72 -3.45
CA MET A 456 12.44 -12.50 -2.77
C MET A 456 13.04 -12.88 -1.44
N TYR A 457 12.27 -13.61 -0.64
CA TYR A 457 12.68 -13.99 0.72
C TYR A 457 14.12 -14.57 0.78
N ARG A 458 14.40 -15.49 -0.14
CA ARG A 458 15.72 -16.09 -0.34
C ARG A 458 16.76 -15.09 -0.84
N ALA A 459 16.29 -14.01 -1.47
CA ALA A 459 17.23 -13.00 -1.96
C ALA A 459 17.59 -12.00 -0.88
N GLY A 460 17.11 -12.25 0.35
CA GLY A 460 17.45 -11.44 1.51
C GLY A 460 16.39 -10.43 1.83
N MET A 461 15.58 -10.11 0.82
CA MET A 461 14.50 -9.13 0.91
C MET A 461 13.43 -9.46 1.92
N ALA A 462 12.77 -8.40 2.37
CA ALA A 462 11.53 -8.52 3.11
C ALA A 462 10.38 -8.82 2.13
N ILE A 463 9.35 -9.50 2.62
CA ILE A 463 8.12 -9.68 1.86
C ILE A 463 7.00 -8.82 2.46
N ASN A 464 6.53 -7.83 1.70
CA ASN A 464 5.47 -6.93 2.14
C ASN A 464 5.75 -6.29 3.51
N ALA A 465 6.89 -5.61 3.66
CA ALA A 465 7.20 -5.02 4.95
C ALA A 465 6.28 -3.83 5.22
N PRO A 466 5.81 -3.70 6.48
CA PRO A 466 4.81 -2.68 6.86
C PRO A 466 5.41 -1.28 6.93
N ALA A 467 4.72 -0.27 6.40
CA ALA A 467 5.20 1.13 6.39
C ALA A 467 5.87 1.54 7.71
N SER A 468 5.21 1.19 8.80
CA SER A 468 5.66 1.49 10.15
C SER A 468 5.87 0.19 10.97
N ASP A 469 6.55 0.29 12.11
CA ASP A 469 6.63 -0.84 13.04
C ASP A 469 5.71 -0.65 14.25
N ASP A 470 4.85 0.38 14.19
CA ASP A 470 3.88 0.67 15.24
C ASP A 470 2.70 -0.29 15.15
N ALA A 471 2.66 -1.27 16.06
CA ALA A 471 1.67 -2.33 15.97
C ALA A 471 0.28 -1.78 16.24
N GLN A 472 0.18 -0.74 17.07
CA GLN A 472 -1.09 -0.08 17.30
C GLN A 472 -1.67 0.63 16.06
N LEU A 473 -0.83 1.37 15.34
CA LEU A 473 -1.26 2.03 14.10
C LEU A 473 -1.68 1.03 13.02
N TYR A 474 -1.09 -0.16 13.08
CA TYR A 474 -1.36 -1.20 12.11
C TYR A 474 -2.69 -1.90 12.38
N TYR A 475 -2.83 -2.42 13.59
CA TYR A 475 -4.07 -3.06 14.02
C TYR A 475 -5.15 -2.02 14.29
N GLY A 476 -4.81 -0.73 14.13
CA GLY A 476 -5.78 0.34 14.30
C GLY A 476 -6.47 0.76 13.00
N ASN A 477 -5.72 1.43 12.12
CA ASN A 477 -6.25 1.83 10.81
C ASN A 477 -6.44 0.62 9.88
N PHE A 478 -7.68 0.14 9.80
CA PHE A 478 -7.95 -1.10 9.09
C PHE A 478 -7.50 -1.12 7.63
N GLU A 479 -7.42 0.05 7.02
CA GLU A 479 -7.02 0.18 5.61
C GLU A 479 -5.53 -0.15 5.45
N GLU A 480 -4.75 0.17 6.49
CA GLU A 480 -3.34 -0.16 6.54
C GLU A 480 -3.18 -1.65 6.84
N GLY A 481 -3.89 -2.14 7.84
CA GLY A 481 -3.79 -3.53 8.26
C GLY A 481 -4.39 -4.53 7.28
N PHE A 482 -5.06 -4.02 6.24
CA PHE A 482 -5.65 -4.86 5.21
C PHE A 482 -4.80 -4.85 3.93
N ARG A 483 -4.41 -3.65 3.50
CA ARG A 483 -3.48 -3.46 2.38
C ARG A 483 -2.17 -4.22 2.62
N ASN A 484 -1.74 -4.21 3.87
CA ASN A 484 -0.54 -4.94 4.23
C ASN A 484 -0.87 -6.07 5.18
N PHE A 485 -1.70 -6.99 4.69
CA PHE A 485 -2.28 -8.04 5.52
C PHE A 485 -1.24 -9.06 5.99
N TRP A 486 -0.67 -9.80 5.06
CA TRP A 486 0.42 -10.67 5.45
C TRP A 486 1.72 -9.96 5.19
N ASN A 487 2.36 -9.47 6.25
CA ASN A 487 3.55 -8.66 6.11
C ASN A 487 4.78 -9.50 6.36
N ASN A 488 5.95 -8.87 6.29
CA ASN A 488 7.23 -9.53 6.51
C ASN A 488 7.33 -10.34 7.81
N SER A 489 6.74 -9.81 8.88
CA SER A 489 6.82 -10.47 10.18
C SER A 489 6.10 -11.81 10.13
N ASN A 490 4.90 -11.83 9.55
CA ASN A 490 4.15 -13.06 9.35
C ASN A 490 4.97 -14.09 8.57
N TYR A 491 5.50 -13.68 7.42
CA TYR A 491 6.28 -14.55 6.54
C TYR A 491 7.52 -15.09 7.22
N TYR A 492 8.22 -14.24 7.97
CA TYR A 492 9.41 -14.71 8.68
C TYR A 492 9.08 -15.70 9.81
N CYS A 493 8.06 -15.42 10.63
CA CYS A 493 7.63 -16.38 11.66
C CYS A 493 7.35 -17.76 11.10
N VAL A 494 6.57 -17.83 10.02
CA VAL A 494 6.23 -19.13 9.46
C VAL A 494 7.39 -19.76 8.66
N LEU A 495 8.00 -19.01 7.76
CA LEU A 495 9.08 -19.57 6.93
C LEU A 495 10.33 -19.90 7.75
N ALA A 496 10.82 -18.94 8.53
CA ALA A 496 12.00 -19.19 9.35
C ALA A 496 11.70 -20.28 10.36
N GLY A 497 10.47 -20.26 10.86
CA GLY A 497 10.03 -21.25 11.83
C GLY A 497 10.16 -22.67 11.32
N LEU A 498 9.76 -22.88 10.06
CA LEU A 498 9.80 -24.21 9.45
C LEU A 498 11.22 -24.58 9.05
N GLY A 499 12.07 -23.55 8.93
CA GLY A 499 13.47 -23.75 8.63
C GLY A 499 13.91 -23.32 7.25
N LEU A 500 13.03 -22.63 6.53
CA LEU A 500 13.40 -21.99 5.28
C LEU A 500 14.05 -20.63 5.55
N VAL A 501 15.31 -20.49 5.19
CA VAL A 501 16.02 -19.22 5.37
C VAL A 501 16.60 -18.72 4.02
N PRO A 502 17.00 -17.43 3.97
CA PRO A 502 17.51 -16.91 2.68
C PRO A 502 18.85 -17.54 2.29
N ASP A 503 19.28 -17.39 1.05
CA ASP A 503 20.50 -18.06 0.59
C ASP A 503 21.79 -17.47 1.16
N ALA A 504 21.72 -16.21 1.57
CA ALA A 504 22.86 -15.44 2.08
C ALA A 504 22.24 -14.16 2.63
N PRO A 505 22.94 -13.47 3.55
CA PRO A 505 22.36 -12.27 4.20
C PRO A 505 21.90 -11.15 3.25
N SER A 506 21.12 -10.20 3.75
CA SER A 506 20.77 -9.00 2.99
C SER A 506 22.04 -8.24 2.56
N PRO A 507 22.20 -8.00 1.26
CA PRO A 507 23.46 -7.37 0.82
C PRO A 507 23.68 -5.97 1.39
N ARG A 508 22.60 -5.28 1.77
CA ARG A 508 22.76 -3.96 2.37
C ARG A 508 23.55 -4.02 3.67
N LEU A 509 23.43 -5.11 4.42
CA LEU A 509 24.01 -5.20 5.76
C LEU A 509 25.54 -5.03 5.77
N ALA A 510 26.18 -5.49 4.70
CA ALA A 510 27.65 -5.35 4.55
C ALA A 510 28.10 -3.89 4.39
N HIS A 511 27.18 -3.03 3.98
CA HIS A 511 27.51 -1.62 3.77
C HIS A 511 27.01 -0.79 4.95
N MET A 512 26.60 -1.49 5.99
CA MET A 512 26.08 -0.85 7.19
C MET A 512 26.77 -1.39 8.44
N PRO A 513 28.08 -1.16 8.55
CA PRO A 513 28.79 -1.69 9.70
C PRO A 513 28.30 -1.12 11.04
N ARG A 514 27.76 0.10 11.03
CA ARG A 514 27.33 0.77 12.25
C ARG A 514 25.99 0.20 12.74
N ALA A 515 25.15 -0.20 11.79
CA ALA A 515 23.87 -0.85 12.06
C ALA A 515 24.11 -2.20 12.68
N THR A 516 24.92 -3.02 12.02
CA THR A 516 25.19 -4.36 12.50
C THR A 516 25.97 -4.37 13.83
N GLU A 517 26.54 -3.23 14.18
CA GLU A 517 27.15 -3.02 15.49
C GLU A 517 26.06 -2.86 16.53
N SER A 518 25.14 -1.96 16.23
CA SER A 518 24.16 -1.53 17.19
C SER A 518 22.90 -2.38 17.35
N VAL A 519 22.75 -3.47 16.58
CA VAL A 519 21.57 -4.33 16.78
C VAL A 519 21.73 -5.12 18.05
N ASP A 520 22.98 -5.24 18.49
CA ASP A 520 23.32 -5.89 19.73
C ASP A 520 22.45 -5.36 20.88
N GLU A 521 22.23 -4.05 20.89
CA GLU A 521 21.43 -3.43 21.94
C GLU A 521 19.94 -3.49 21.65
N VAL A 522 19.58 -4.07 20.51
CA VAL A 522 18.18 -4.25 20.18
C VAL A 522 17.74 -5.68 20.54
N PHE A 523 18.56 -6.66 20.18
CA PHE A 523 18.33 -8.02 20.61
C PHE A 523 18.45 -8.06 22.13
N GLY A 524 19.32 -7.22 22.65
CA GLY A 524 19.48 -7.06 24.09
C GLY A 524 18.20 -6.56 24.76
N ALA A 525 17.40 -5.79 24.02
CA ALA A 525 16.16 -5.23 24.56
C ALA A 525 15.08 -6.28 24.68
N VAL A 526 14.99 -7.19 23.71
CA VAL A 526 14.00 -8.25 23.79
C VAL A 526 14.32 -9.16 24.97
N LYS A 527 15.60 -9.33 25.27
CA LYS A 527 16.00 -10.23 26.34
C LYS A 527 15.64 -9.66 27.72
N ASP A 528 15.80 -8.35 27.88
CA ASP A 528 15.38 -7.68 29.12
C ASP A 528 13.87 -7.72 29.26
N ARG A 529 13.18 -7.44 28.16
CA ARG A 529 11.73 -7.39 28.14
C ARG A 529 11.13 -8.79 28.32
N GLN A 530 11.77 -9.81 27.77
CA GLN A 530 11.39 -11.18 28.08
C GLN A 530 11.55 -11.50 29.58
N ARG A 531 12.74 -11.22 30.12
CA ARG A 531 13.05 -11.56 31.51
C ARG A 531 12.23 -10.74 32.48
N ASN A 532 12.08 -9.45 32.17
CA ASN A 532 11.31 -8.55 33.03
C ASN A 532 9.80 -8.82 33.00
N LEU A 533 9.27 -9.19 31.84
CA LEU A 533 7.86 -9.52 31.77
C LEU A 533 7.54 -10.91 32.34
N LEU A 534 8.49 -11.84 32.25
CA LEU A 534 8.27 -13.18 32.79
C LEU A 534 8.11 -13.20 34.32
N GLU A 535 8.81 -12.30 35.01
CA GLU A 535 8.80 -12.29 36.46
C GLU A 535 7.78 -11.30 37.02
N THR A 536 7.21 -10.45 36.17
CA THR A 536 6.24 -9.47 36.64
C THR A 536 4.82 -9.66 36.11
N LEU A 537 4.64 -10.59 35.18
CA LEU A 537 3.31 -10.81 34.63
C LEU A 537 2.61 -11.92 35.41
N PRO A 538 1.28 -11.80 35.51
CA PRO A 538 0.41 -12.82 36.10
C PRO A 538 0.07 -13.85 35.05
N SER A 539 -0.54 -14.97 35.43
CA SER A 539 -0.94 -15.98 34.45
C SER A 539 -2.28 -15.59 33.85
N LEU A 540 -2.53 -16.03 32.62
CA LEU A 540 -3.80 -15.74 31.96
C LEU A 540 -4.94 -16.25 32.82
N HIS A 541 -4.68 -17.34 33.52
CA HIS A 541 -5.67 -17.83 34.49
C HIS A 541 -5.92 -16.84 35.63
N GLU A 542 -4.86 -16.27 36.19
CA GLU A 542 -4.99 -15.30 37.29
C GLU A 542 -5.77 -14.06 36.86
N PHE A 543 -5.68 -13.73 35.57
CA PHE A 543 -6.32 -12.53 35.06
C PHE A 543 -7.77 -12.78 34.64
N LEU A 544 -8.00 -13.90 33.98
CA LEU A 544 -9.35 -14.28 33.58
C LEU A 544 -10.20 -14.49 34.82
N ARG A 545 -9.60 -15.09 35.85
CA ARG A 545 -10.26 -15.29 37.13
C ARG A 545 -10.75 -13.94 37.66
N GLN A 546 -9.84 -12.95 37.73
CA GLN A 546 -10.17 -11.58 38.14
C GLN A 546 -11.26 -10.91 37.26
N GLN A 547 -11.41 -11.35 36.01
CA GLN A 547 -12.44 -10.81 35.14
C GLN A 547 -13.59 -11.80 34.82
N MET B 21 30.14 -16.84 2.17
CA MET B 21 29.46 -15.56 1.91
C MET B 21 30.07 -14.83 0.71
N PRO B 22 29.21 -14.38 -0.24
CA PRO B 22 29.65 -13.80 -1.52
C PRO B 22 30.22 -12.40 -1.38
N GLY B 23 30.95 -11.94 -2.38
CA GLY B 23 31.59 -10.63 -2.34
C GLY B 23 30.64 -9.44 -2.42
N LYS B 24 30.73 -8.52 -1.45
CA LYS B 24 29.95 -7.29 -1.50
C LYS B 24 30.40 -6.41 -2.66
N ILE B 25 29.58 -5.43 -3.01
CA ILE B 25 29.90 -4.51 -4.11
C ILE B 25 31.02 -3.56 -3.66
N ASP B 26 32.21 -3.69 -4.27
CA ASP B 26 33.40 -2.92 -3.84
C ASP B 26 33.56 -1.58 -4.52
N LYS B 27 33.52 -1.56 -5.85
CA LYS B 27 33.89 -0.36 -6.61
C LYS B 27 32.80 0.02 -7.67
N ILE B 28 32.28 1.25 -7.58
CA ILE B 28 31.18 1.72 -8.42
C ILE B 28 31.60 2.86 -9.37
N LEU B 29 31.20 2.75 -10.64
CA LEU B 29 31.41 3.81 -11.64
C LEU B 29 30.09 4.42 -12.12
N ILE B 30 29.96 5.73 -11.94
CA ILE B 30 28.81 6.52 -12.41
C ILE B 30 29.20 7.31 -13.66
N VAL B 31 28.69 6.90 -14.83
CA VAL B 31 28.91 7.67 -16.07
C VAL B 31 27.86 8.75 -16.30
N GLY B 32 28.28 10.01 -16.12
CA GLY B 32 27.40 11.14 -16.28
C GLY B 32 27.48 12.01 -15.04
N GLY B 33 27.77 13.29 -15.22
CA GLY B 33 27.81 14.21 -14.09
C GLY B 33 26.77 15.30 -14.17
N GLY B 34 25.55 14.97 -14.58
CA GLY B 34 24.50 15.96 -14.62
C GLY B 34 23.96 16.25 -13.24
N THR B 35 22.63 16.37 -13.14
CA THR B 35 21.98 16.51 -11.87
C THR B 35 21.79 15.10 -11.27
N ALA B 36 21.25 14.18 -12.07
CA ALA B 36 21.11 12.78 -11.64
C ALA B 36 22.46 12.16 -11.37
N GLY B 37 23.45 12.54 -12.19
CA GLY B 37 24.83 12.13 -11.97
C GLY B 37 25.26 12.35 -10.54
N TRP B 38 25.22 13.60 -10.10
CA TRP B 38 25.69 13.96 -8.74
C TRP B 38 24.77 13.59 -7.60
N MET B 39 23.48 13.39 -7.88
CA MET B 39 22.54 12.95 -6.83
C MET B 39 22.81 11.49 -6.48
N ALA B 40 23.10 10.70 -7.53
CA ALA B 40 23.46 9.29 -7.39
C ALA B 40 24.75 9.17 -6.60
N ALA B 41 25.69 10.07 -6.86
CA ALA B 41 26.94 10.05 -6.12
C ALA B 41 26.76 10.45 -4.65
N SER B 42 26.02 11.52 -4.39
CA SER B 42 25.82 11.93 -3.01
C SER B 42 25.13 10.81 -2.26
N TYR B 43 24.03 10.34 -2.81
CA TYR B 43 23.19 9.35 -2.14
C TYR B 43 23.96 8.03 -1.98
N LEU B 44 24.44 7.44 -3.08
CA LEU B 44 25.28 6.24 -2.99
C LEU B 44 26.52 6.41 -2.08
N GLY B 45 27.21 7.55 -2.18
CA GLY B 45 28.35 7.86 -1.33
C GLY B 45 28.10 7.85 0.16
N LYS B 46 26.93 8.36 0.57
CA LYS B 46 26.54 8.39 1.98
C LYS B 46 25.91 7.07 2.45
N ALA B 47 25.35 6.30 1.52
CA ALA B 47 24.69 5.03 1.85
C ALA B 47 25.68 3.88 1.92
N LEU B 48 26.84 4.04 1.30
CA LEU B 48 27.85 2.99 1.33
C LEU B 48 29.16 3.58 1.86
N GLN B 49 29.06 4.51 2.80
CA GLN B 49 30.25 5.20 3.26
C GLN B 49 31.25 4.22 3.83
N GLY B 50 32.44 4.22 3.23
CA GLY B 50 33.58 3.47 3.72
C GLY B 50 33.63 2.05 3.25
N THR B 51 32.57 1.63 2.56
CA THR B 51 32.47 0.24 2.13
C THR B 51 32.44 0.15 0.60
N ALA B 52 32.53 1.30 -0.07
CA ALA B 52 32.51 1.32 -1.53
C ALA B 52 33.30 2.50 -2.06
N ASP B 53 34.05 2.24 -3.13
CA ASP B 53 34.83 3.27 -3.80
C ASP B 53 34.06 3.80 -5.00
N ILE B 54 33.52 5.01 -4.89
CA ILE B 54 32.80 5.58 -6.02
C ILE B 54 33.62 6.59 -6.81
N THR B 55 33.58 6.44 -8.13
CA THR B 55 34.20 7.36 -9.07
C THR B 55 33.14 7.83 -10.07
N LEU B 56 32.93 9.15 -10.18
CA LEU B 56 32.08 9.68 -11.24
C LEU B 56 32.93 10.15 -12.42
N LEU B 57 32.37 10.06 -13.61
CA LEU B 57 33.10 10.36 -14.83
C LEU B 57 32.17 11.15 -15.73
N GLN B 58 32.55 12.39 -16.02
CA GLN B 58 31.67 13.28 -16.80
C GLN B 58 32.49 14.11 -17.75
N ALA B 59 31.96 14.34 -18.94
CA ALA B 59 32.69 15.06 -19.96
C ALA B 59 32.27 16.53 -20.08
N PRO B 60 33.21 17.40 -20.51
CA PRO B 60 32.93 18.79 -20.90
C PRO B 60 31.74 18.90 -21.87
N ASP B 61 30.82 19.81 -21.59
CA ASP B 61 29.63 19.97 -22.44
C ASP B 61 29.16 21.45 -22.54
N ILE B 62 28.38 21.78 -23.57
CA ILE B 62 27.84 23.15 -23.67
C ILE B 62 26.78 23.22 -22.60
N PRO B 63 26.97 24.10 -21.60
CA PRO B 63 25.94 24.15 -20.56
C PRO B 63 24.67 24.75 -21.13
N THR B 64 23.55 24.30 -20.59
CA THR B 64 22.27 24.88 -20.94
C THR B 64 22.01 26.07 -20.01
N LEU B 65 21.00 26.87 -20.33
CA LEU B 65 20.55 27.92 -19.43
C LEU B 65 19.85 27.28 -18.25
N GLY B 66 19.96 27.90 -17.07
CA GLY B 66 19.20 27.45 -15.93
C GLY B 66 17.76 27.80 -16.18
N VAL B 67 16.96 26.82 -16.58
CA VAL B 67 15.58 27.08 -16.95
C VAL B 67 14.64 26.65 -15.83
N GLY B 68 15.21 26.08 -14.77
CA GLY B 68 14.46 25.82 -13.55
C GLY B 68 13.95 24.41 -13.33
N GLU B 69 13.79 24.06 -12.06
CA GLU B 69 13.24 22.77 -11.67
C GLU B 69 12.17 23.01 -10.63
N ALA B 70 11.01 22.37 -10.77
CA ALA B 70 10.01 22.39 -9.72
C ALA B 70 10.05 21.03 -9.01
N THR B 71 9.69 20.99 -7.74
CA THR B 71 9.93 19.76 -7.01
C THR B 71 8.72 19.29 -6.19
N ILE B 72 8.99 18.40 -5.24
CA ILE B 72 7.95 17.75 -4.46
C ILE B 72 8.48 17.57 -3.05
N PRO B 73 7.72 18.01 -2.04
CA PRO B 73 8.09 18.16 -0.63
C PRO B 73 8.97 17.05 -0.04
N ASN B 74 8.91 15.84 -0.56
CA ASN B 74 9.76 14.79 -0.01
C ASN B 74 11.20 14.82 -0.50
N LEU B 75 11.55 15.85 -1.28
CA LEU B 75 12.94 16.09 -1.66
C LEU B 75 13.75 16.30 -0.41
N GLN B 76 13.17 17.00 0.56
CA GLN B 76 13.89 17.20 1.80
C GLN B 76 14.00 15.90 2.58
N THR B 77 12.88 15.21 2.74
CA THR B 77 12.86 14.06 3.66
C THR B 77 13.46 12.79 3.07
N ALA B 78 13.17 12.51 1.81
CA ALA B 78 13.71 11.31 1.17
C ALA B 78 15.15 11.47 0.68
N PHE B 79 15.61 12.71 0.50
CA PHE B 79 16.93 12.90 -0.11
C PHE B 79 17.92 13.73 0.70
N PHE B 80 17.65 15.02 0.89
CA PHE B 80 18.58 15.84 1.67
C PHE B 80 18.75 15.36 3.10
N ASP B 81 17.65 14.95 3.74
CA ASP B 81 17.72 14.36 5.06
C ASP B 81 18.63 13.14 5.13
N PHE B 82 18.56 12.28 4.12
CA PHE B 82 19.37 11.08 4.07
C PHE B 82 20.86 11.41 3.99
N LEU B 83 21.16 12.56 3.39
CA LEU B 83 22.54 12.99 3.23
C LEU B 83 23.02 13.62 4.52
N GLY B 84 22.10 14.29 5.22
CA GLY B 84 22.43 14.99 6.45
C GLY B 84 22.53 16.50 6.27
N ILE B 85 22.01 16.99 5.15
CA ILE B 85 22.05 18.41 4.79
C ILE B 85 20.75 19.16 5.14
N PRO B 86 20.81 20.03 6.17
CA PRO B 86 19.66 20.83 6.65
C PRO B 86 18.97 21.61 5.51
N GLU B 87 17.65 21.68 5.57
CA GLU B 87 16.88 22.32 4.50
C GLU B 87 17.35 23.74 4.28
N ASP B 88 17.64 24.47 5.34
CA ASP B 88 17.99 25.86 5.15
C ASP B 88 19.40 26.07 4.59
N GLU B 89 20.28 25.09 4.77
CA GLU B 89 21.64 25.19 4.25
C GLU B 89 21.66 25.16 2.72
N TRP B 90 21.07 24.12 2.14
CA TRP B 90 21.04 23.98 0.68
C TRP B 90 20.06 24.93 0.00
N VAL B 91 19.01 25.35 0.70
CA VAL B 91 18.10 26.31 0.11
C VAL B 91 18.79 27.66 -0.03
N ARG B 92 19.55 28.07 0.99
CA ARG B 92 20.32 29.31 0.94
C ARG B 92 21.45 29.27 -0.08
N GLU B 93 22.13 28.14 -0.18
CA GLU B 93 23.25 27.97 -1.10
C GLU B 93 22.85 28.07 -2.56
N CYS B 94 21.73 27.44 -2.92
CA CYS B 94 21.28 27.36 -4.32
C CYS B 94 20.15 28.35 -4.68
N ASN B 95 19.89 29.26 -3.75
CA ASN B 95 18.93 30.35 -3.97
C ASN B 95 17.62 29.84 -4.50
N ALA B 96 17.00 28.98 -3.71
CA ALA B 96 15.76 28.35 -4.08
C ALA B 96 14.57 29.15 -3.56
N SER B 97 13.49 29.19 -4.34
CA SER B 97 12.22 29.74 -3.88
C SER B 97 11.35 28.60 -3.37
N TYR B 98 10.22 28.95 -2.77
CA TYR B 98 9.31 27.97 -2.17
C TYR B 98 8.14 27.70 -3.10
N LYS B 99 7.70 26.42 -3.16
CA LYS B 99 6.58 25.97 -4.01
C LYS B 99 5.43 25.34 -3.21
N VAL B 100 4.22 25.85 -3.38
CA VAL B 100 3.07 25.34 -2.64
C VAL B 100 2.06 24.60 -3.54
N ALA B 101 2.04 24.92 -4.83
CA ALA B 101 1.14 24.28 -5.77
C ALA B 101 1.61 24.41 -7.22
N ILE B 102 0.85 23.82 -8.13
CA ILE B 102 0.97 24.16 -9.54
C ILE B 102 -0.34 24.84 -9.92
N LYS B 103 -0.26 26.07 -10.43
CA LYS B 103 -1.43 26.83 -10.84
C LYS B 103 -1.59 26.58 -12.32
N PHE B 104 -2.69 25.92 -12.69
CA PHE B 104 -2.96 25.55 -14.07
C PHE B 104 -3.80 26.61 -14.76
N ILE B 105 -3.16 27.37 -15.65
CA ILE B 105 -3.81 28.49 -16.33
C ILE B 105 -4.20 28.19 -17.77
N ASN B 106 -5.46 28.46 -18.12
CA ASN B 106 -5.96 28.41 -19.50
C ASN B 106 -6.05 27.03 -20.13
N TRP B 107 -6.42 26.03 -19.32
CA TRP B 107 -6.65 24.68 -19.83
C TRP B 107 -8.11 24.43 -20.15
N ARG B 108 -8.98 25.39 -19.84
CA ARG B 108 -10.42 25.23 -20.03
C ARG B 108 -11.03 26.23 -21.02
N THR B 109 -10.22 27.17 -21.47
CA THR B 109 -10.67 28.23 -22.38
C THR B 109 -9.85 28.23 -23.65
N ALA B 110 -10.50 28.49 -24.80
CA ALA B 110 -9.82 28.51 -26.10
C ALA B 110 -8.94 29.76 -26.27
N GLY B 111 -7.91 29.67 -27.11
CA GLY B 111 -7.10 30.85 -27.39
C GLY B 111 -5.59 30.72 -27.39
N GLU B 112 -4.94 31.84 -27.70
CA GLU B 112 -3.50 31.86 -27.96
C GLU B 112 -2.68 31.69 -26.69
N GLY B 113 -1.38 31.44 -26.86
CA GLY B 113 -0.50 31.27 -25.72
C GLY B 113 -0.30 32.57 -24.99
N THR B 114 -1.00 32.76 -23.87
CA THR B 114 -0.89 33.97 -23.06
C THR B 114 -0.58 33.69 -21.59
N SER B 115 0.18 34.57 -20.96
CA SER B 115 0.49 34.44 -19.53
C SER B 115 -0.68 34.91 -18.67
N GLU B 116 -1.72 35.38 -19.34
CA GLU B 116 -2.91 35.98 -18.72
C GLU B 116 -4.08 35.00 -18.63
N ALA B 117 -4.51 34.67 -17.42
CA ALA B 117 -5.70 33.83 -17.22
C ALA B 117 -6.91 34.41 -17.97
N ARG B 118 -7.52 33.62 -18.85
CA ARG B 118 -8.73 34.05 -19.55
C ARG B 118 -9.93 34.08 -18.62
N GLU B 119 -11.08 34.51 -19.12
CA GLU B 119 -12.29 34.55 -18.31
C GLU B 119 -13.19 33.34 -18.57
N LEU B 120 -13.58 32.68 -17.50
CA LEU B 120 -14.43 31.49 -17.58
C LEU B 120 -15.42 31.55 -16.42
N ASP B 121 -16.72 31.61 -16.74
CA ASP B 121 -17.78 31.58 -15.72
C ASP B 121 -17.62 32.57 -14.55
N GLY B 122 -17.26 33.81 -14.84
CA GLY B 122 -17.23 34.83 -13.80
C GLY B 122 -15.85 35.23 -13.34
N GLY B 123 -15.05 34.23 -12.98
CA GLY B 123 -13.67 34.44 -12.55
C GLY B 123 -12.66 33.97 -13.57
N PRO B 124 -11.35 34.07 -13.22
CA PRO B 124 -10.28 33.66 -14.14
C PRO B 124 -10.24 32.16 -14.33
N ASP B 125 -9.66 31.71 -15.43
CA ASP B 125 -9.54 30.27 -15.70
C ASP B 125 -8.23 29.74 -15.14
N HIS B 126 -8.29 29.31 -13.89
CA HIS B 126 -7.21 28.58 -13.28
C HIS B 126 -7.73 27.61 -12.20
N PHE B 127 -6.92 26.62 -11.88
CA PHE B 127 -7.17 25.83 -10.71
C PHE B 127 -5.84 25.44 -10.11
N TYR B 128 -5.82 25.15 -8.81
CA TYR B 128 -4.59 24.82 -8.14
C TYR B 128 -4.52 23.32 -7.79
N HIS B 129 -3.42 22.67 -8.18
CA HIS B 129 -3.08 21.37 -7.61
C HIS B 129 -2.04 21.58 -6.51
N SER B 130 -2.47 21.52 -5.26
CA SER B 130 -1.62 21.89 -4.12
C SER B 130 -1.11 20.69 -3.35
N PHE B 131 0.00 20.86 -2.66
CA PHE B 131 0.59 19.79 -1.87
C PHE B 131 -0.23 19.56 -0.61
N GLY B 132 -0.15 18.36 -0.07
CA GLY B 132 -0.96 18.01 1.10
C GLY B 132 -2.11 17.08 0.74
N LEU B 133 -2.89 16.69 1.74
CA LEU B 133 -3.96 15.73 1.54
C LEU B 133 -5.28 16.26 2.06
N LEU B 134 -6.37 15.94 1.34
CA LEU B 134 -7.72 16.35 1.72
C LEU B 134 -8.03 15.90 3.14
N LYS B 135 -8.90 16.63 3.84
CA LYS B 135 -9.28 16.19 5.18
C LYS B 135 -10.32 15.08 5.04
N TYR B 136 -10.16 14.03 5.82
CA TYR B 136 -11.15 12.97 5.89
C TYR B 136 -12.27 13.44 6.81
N HIS B 137 -13.51 13.19 6.43
CA HIS B 137 -14.62 13.40 7.34
C HIS B 137 -15.44 12.13 7.47
N GLU B 138 -15.39 11.52 8.65
CA GLU B 138 -15.99 10.21 8.87
C GLU B 138 -15.60 9.21 7.78
N GLN B 139 -14.29 9.02 7.64
CA GLN B 139 -13.65 8.00 6.80
C GLN B 139 -13.91 8.15 5.30
N ILE B 140 -14.38 9.35 4.90
CA ILE B 140 -14.59 9.70 3.49
C ILE B 140 -13.90 11.03 3.20
N PRO B 141 -13.14 11.13 2.09
CA PRO B 141 -12.36 12.34 1.77
C PRO B 141 -13.24 13.54 1.49
N LEU B 142 -12.73 14.73 1.76
CA LEU B 142 -13.54 15.94 1.69
C LEU B 142 -14.13 16.16 0.30
N SER B 143 -13.42 15.68 -0.71
CA SER B 143 -13.81 15.80 -2.11
C SER B 143 -15.21 15.27 -2.38
N HIS B 144 -15.50 14.10 -1.82
CA HIS B 144 -16.77 13.45 -1.99
C HIS B 144 -17.93 14.32 -1.50
N TYR B 145 -17.77 14.91 -0.31
CA TYR B 145 -18.77 15.84 0.22
C TYR B 145 -18.95 17.06 -0.67
N TRP B 146 -17.83 17.70 -1.03
CA TRP B 146 -17.86 18.80 -1.99
C TRP B 146 -18.68 18.43 -3.22
N PHE B 147 -18.37 17.30 -3.85
CA PHE B 147 -19.09 16.98 -5.07
C PHE B 147 -20.57 16.69 -4.83
N ASP B 148 -20.87 16.05 -3.70
CA ASP B 148 -22.24 15.77 -3.32
C ASP B 148 -23.04 17.07 -3.39
N ARG B 149 -22.60 18.07 -2.62
CA ARG B 149 -23.23 19.39 -2.59
C ARG B 149 -23.21 20.12 -3.95
N LEU B 150 -22.10 20.03 -4.68
CA LEU B 150 -22.04 20.63 -6.01
C LEU B 150 -23.11 20.03 -6.91
N TYR B 151 -23.33 18.74 -6.78
CA TYR B 151 -24.24 17.99 -7.66
C TYR B 151 -25.70 18.25 -7.30
N ARG B 152 -25.95 18.50 -6.03
CA ARG B 152 -27.29 18.80 -5.57
C ARG B 152 -27.52 20.32 -5.47
N GLY B 153 -26.71 21.07 -6.21
CA GLY B 153 -26.80 22.52 -6.27
C GLY B 153 -26.72 23.29 -4.97
N LYS B 154 -26.11 22.71 -3.93
CA LYS B 154 -25.92 23.42 -2.66
C LYS B 154 -24.58 24.20 -2.62
N THR B 155 -23.86 24.20 -3.74
CA THR B 155 -22.61 24.97 -3.89
C THR B 155 -22.25 25.14 -5.36
N VAL B 156 -21.40 26.12 -5.64
CA VAL B 156 -20.95 26.39 -7.00
C VAL B 156 -19.43 26.56 -6.99
N GLU B 157 -18.88 26.61 -5.79
CA GLU B 157 -17.45 26.79 -5.55
C GLU B 157 -16.61 25.66 -6.18
N PRO B 158 -15.50 26.05 -6.82
CA PRO B 158 -14.55 25.08 -7.39
C PRO B 158 -13.97 24.17 -6.31
N PHE B 159 -13.77 22.90 -6.65
CA PHE B 159 -13.18 21.94 -5.72
C PHE B 159 -11.98 22.49 -4.96
N ASP B 160 -11.06 23.17 -5.65
CA ASP B 160 -9.84 23.63 -5.00
C ASP B 160 -10.07 24.68 -3.89
N TYR B 161 -10.94 25.66 -4.14
CA TYR B 161 -11.22 26.70 -3.14
C TYR B 161 -12.09 26.24 -1.96
N ALA B 162 -12.91 25.21 -2.20
CA ALA B 162 -13.78 24.63 -1.18
C ALA B 162 -13.02 23.76 -0.21
N CYS B 163 -12.09 22.94 -0.74
CA CYS B 163 -11.46 21.88 0.04
C CYS B 163 -10.04 22.18 0.52
N TYR B 164 -9.41 23.18 -0.08
CA TYR B 164 -8.05 23.54 0.29
C TYR B 164 -7.99 24.95 0.84
N MET B 165 -7.11 25.20 1.81
CA MET B 165 -6.86 26.56 2.26
C MET B 165 -5.96 27.28 1.27
N GLU B 166 -5.00 26.53 0.73
CA GLU B 166 -3.96 27.06 -0.14
C GLU B 166 -4.39 28.05 -1.25
N PRO B 167 -5.40 27.72 -2.07
CA PRO B 167 -5.73 28.59 -3.20
C PRO B 167 -5.91 30.08 -2.87
N VAL B 168 -6.22 30.40 -1.61
CA VAL B 168 -6.49 31.78 -1.22
C VAL B 168 -5.24 32.55 -0.88
N ILE B 169 -4.39 32.00 -0.02
CA ILE B 169 -3.15 32.68 0.30
C ILE B 169 -2.20 32.68 -0.89
N LEU B 170 -2.41 31.75 -1.84
CA LEU B 170 -1.57 31.68 -3.03
C LEU B 170 -1.93 32.77 -4.04
N ASP B 171 -3.23 33.09 -4.11
CA ASP B 171 -3.77 34.17 -4.94
C ASP B 171 -3.13 35.48 -4.56
N ALA B 172 -2.60 35.52 -3.34
CA ALA B 172 -2.12 36.73 -2.72
C ALA B 172 -0.63 36.64 -2.52
N ASN B 173 0.00 35.67 -3.17
CA ASN B 173 1.45 35.44 -3.06
C ASN B 173 1.99 35.32 -1.63
N ARG B 174 1.24 34.72 -0.72
CA ARG B 174 1.69 34.63 0.67
C ARG B 174 2.79 33.57 0.82
N SER B 175 3.53 33.62 1.92
CA SER B 175 4.63 32.68 2.14
C SER B 175 4.08 31.41 2.74
N PRO B 176 4.71 30.25 2.44
CA PRO B 176 4.32 29.04 3.18
C PRO B 176 4.84 29.07 4.62
N ARG B 177 5.91 29.83 4.88
CA ARG B 177 6.43 29.97 6.23
C ARG B 177 6.18 31.39 6.77
N ARG B 178 5.72 31.47 8.01
CA ARG B 178 5.57 32.74 8.72
C ARG B 178 6.96 33.34 8.95
N LEU B 179 7.00 34.65 9.26
CA LEU B 179 8.27 35.35 9.45
C LEU B 179 9.20 34.70 10.46
N ASP B 180 8.62 34.12 11.51
CA ASP B 180 9.37 33.45 12.58
C ASP B 180 9.92 32.10 12.15
N GLY B 181 9.33 31.54 11.10
CA GLY B 181 9.84 30.31 10.53
C GLY B 181 8.88 29.15 10.59
N SER B 182 7.73 29.33 11.23
CA SER B 182 6.72 28.27 11.36
C SER B 182 6.03 27.93 10.02
N LYS B 183 5.78 26.64 9.81
CA LYS B 183 5.29 26.17 8.52
C LYS B 183 3.78 26.03 8.57
N VAL B 184 3.08 26.59 7.60
CA VAL B 184 1.59 26.55 7.59
C VAL B 184 0.95 25.72 6.47
N THR B 185 1.77 24.96 5.73
CA THR B 185 1.31 24.15 4.60
C THR B 185 2.45 23.21 4.19
N SER B 186 2.19 22.26 3.30
CA SER B 186 3.26 21.45 2.74
C SER B 186 3.78 22.21 1.53
N TYR B 187 5.10 22.29 1.37
CA TYR B 187 5.68 23.00 0.23
C TYR B 187 6.88 22.27 -0.37
N ALA B 188 7.28 22.68 -1.57
CA ALA B 188 8.53 22.20 -2.16
C ALA B 188 9.32 23.41 -2.67
N TRP B 189 10.26 23.16 -3.58
CA TRP B 189 11.24 24.19 -3.95
C TRP B 189 11.35 24.43 -5.44
N HIS B 190 11.65 25.68 -5.82
CA HIS B 190 12.08 26.00 -7.18
C HIS B 190 13.58 26.28 -7.10
N PHE B 191 14.34 25.91 -8.14
CA PHE B 191 15.76 26.26 -8.21
C PHE B 191 16.36 26.03 -9.60
N ASP B 192 17.49 26.69 -9.89
CA ASP B 192 18.33 26.31 -11.04
C ASP B 192 18.96 24.96 -10.73
N ALA B 193 18.60 23.94 -11.51
CA ALA B 193 19.12 22.60 -11.25
C ALA B 193 20.65 22.53 -11.37
N HIS B 194 21.24 23.44 -12.15
CA HIS B 194 22.70 23.52 -12.26
C HIS B 194 23.33 23.83 -10.90
N LEU B 195 22.80 24.84 -10.21
CA LEU B 195 23.37 25.26 -8.92
C LEU B 195 23.31 24.16 -7.88
N VAL B 196 22.20 23.42 -7.88
CA VAL B 196 22.01 22.29 -6.97
C VAL B 196 22.99 21.17 -7.29
N ALA B 197 23.15 20.88 -8.58
CA ALA B 197 24.10 19.86 -9.01
C ALA B 197 25.54 20.22 -8.66
N ASP B 198 25.84 21.53 -8.64
CA ASP B 198 27.13 22.03 -8.20
C ASP B 198 27.30 21.83 -6.69
N PHE B 199 26.27 22.18 -5.94
CA PHE B 199 26.21 21.90 -4.51
C PHE B 199 26.56 20.43 -4.22
N LEU B 200 25.87 19.52 -4.91
CA LEU B 200 26.05 18.10 -4.68
C LEU B 200 27.40 17.55 -5.17
N ARG B 201 27.99 18.20 -6.17
CA ARG B 201 29.34 17.82 -6.62
C ARG B 201 30.37 18.15 -5.55
N ARG B 202 30.31 19.37 -5.01
CA ARG B 202 31.18 19.75 -3.90
C ARG B 202 31.01 18.80 -2.72
N PHE B 203 29.77 18.54 -2.32
CA PHE B 203 29.48 17.66 -1.18
C PHE B 203 30.05 16.24 -1.40
N ALA B 204 29.63 15.61 -2.51
CA ALA B 204 30.05 14.25 -2.82
C ALA B 204 31.57 14.10 -2.85
N THR B 205 32.26 15.00 -3.55
CA THR B 205 33.71 14.89 -3.74
C THR B 205 34.49 15.32 -2.51
N GLU B 206 34.01 16.35 -1.83
CA GLU B 206 34.66 16.82 -0.61
C GLU B 206 34.35 15.97 0.65
N LYS B 207 33.08 15.86 1.04
CA LYS B 207 32.75 15.14 2.29
C LYS B 207 32.49 13.59 2.21
N LEU B 208 32.34 13.04 1.01
CA LEU B 208 32.04 11.61 0.88
C LEU B 208 33.05 10.89 0.03
N GLY B 209 34.09 11.61 -0.37
CA GLY B 209 35.23 11.04 -1.06
C GLY B 209 34.94 10.34 -2.36
N VAL B 210 33.95 10.85 -3.11
CA VAL B 210 33.70 10.37 -4.47
C VAL B 210 34.75 11.00 -5.37
N ARG B 211 35.33 10.18 -6.24
CA ARG B 211 36.43 10.60 -7.10
C ARG B 211 35.93 11.15 -8.42
N HIS B 212 36.16 12.43 -8.68
CA HIS B 212 35.70 13.05 -9.93
C HIS B 212 36.79 12.98 -11.00
N VAL B 213 36.41 12.46 -12.17
CA VAL B 213 37.28 12.39 -13.35
C VAL B 213 36.64 13.13 -14.52
N GLU B 214 37.35 14.09 -15.09
CA GLU B 214 36.83 14.79 -16.26
C GLU B 214 37.36 14.14 -17.55
N ASP B 215 36.51 13.35 -18.19
CA ASP B 215 36.89 12.58 -19.36
C ASP B 215 35.67 12.14 -20.16
N ARG B 216 35.89 11.77 -21.41
CA ARG B 216 34.81 11.42 -22.34
C ARG B 216 34.79 9.90 -22.61
N VAL B 217 33.62 9.27 -22.52
CA VAL B 217 33.55 7.81 -22.78
C VAL B 217 33.93 7.53 -24.23
N GLU B 218 34.82 6.58 -24.45
CA GLU B 218 35.31 6.30 -25.79
C GLU B 218 34.94 4.89 -26.29
N HIS B 219 35.03 3.91 -25.40
CA HIS B 219 34.66 2.54 -25.70
C HIS B 219 34.24 1.81 -24.43
N VAL B 220 33.14 1.05 -24.50
CA VAL B 220 32.75 0.17 -23.39
C VAL B 220 32.98 -1.30 -23.76
N GLN B 221 33.69 -2.03 -22.89
CA GLN B 221 34.04 -3.44 -23.13
C GLN B 221 33.14 -4.38 -22.35
N ARG B 222 32.45 -5.26 -23.06
CA ARG B 222 31.57 -6.23 -22.40
C ARG B 222 32.17 -7.62 -22.31
N ASP B 223 31.84 -8.33 -21.24
CA ASP B 223 32.27 -9.70 -21.07
C ASP B 223 31.29 -10.66 -21.74
N ALA B 224 31.34 -11.92 -21.36
CA ALA B 224 30.70 -13.01 -22.09
C ALA B 224 29.23 -13.16 -21.71
N ASN B 225 28.91 -12.69 -20.50
CA ASN B 225 27.56 -12.66 -20.00
C ASN B 225 26.89 -11.36 -20.38
N GLY B 226 27.61 -10.54 -21.14
CA GLY B 226 27.03 -9.32 -21.68
C GLY B 226 27.05 -8.18 -20.68
N ASN B 227 27.73 -8.42 -19.56
CA ASN B 227 27.93 -7.37 -18.56
C ASN B 227 29.08 -6.39 -18.89
N ILE B 228 29.14 -5.28 -18.17
CA ILE B 228 30.18 -4.30 -18.43
C ILE B 228 31.45 -4.70 -17.68
N GLU B 229 32.54 -4.88 -18.44
CA GLU B 229 33.85 -5.21 -17.89
C GLU B 229 34.50 -3.92 -17.43
N SER B 230 34.65 -3.01 -18.38
CA SER B 230 35.39 -1.76 -18.21
C SER B 230 34.83 -0.73 -19.17
N VAL B 231 34.96 0.56 -18.82
CA VAL B 231 34.75 1.62 -19.81
C VAL B 231 36.04 2.42 -19.96
N ARG B 232 36.41 2.70 -21.21
CA ARG B 232 37.65 3.37 -21.51
C ARG B 232 37.39 4.76 -22.04
N THR B 233 38.16 5.73 -21.58
CA THR B 233 37.95 7.10 -22.00
C THR B 233 38.74 7.52 -23.24
N ALA B 234 38.54 8.76 -23.67
CA ALA B 234 39.15 9.30 -24.88
C ALA B 234 40.65 9.53 -24.68
N THR B 235 41.05 9.65 -23.42
CA THR B 235 42.45 9.81 -23.07
C THR B 235 43.12 8.45 -22.78
N GLY B 236 42.39 7.38 -23.04
CA GLY B 236 42.96 6.05 -22.95
C GLY B 236 42.99 5.44 -21.56
N ARG B 237 42.46 6.13 -20.56
CA ARG B 237 42.29 5.54 -19.24
C ARG B 237 41.22 4.46 -19.23
N VAL B 238 41.45 3.35 -18.51
CA VAL B 238 40.37 2.37 -18.33
C VAL B 238 39.87 2.24 -16.89
N PHE B 239 38.55 2.35 -16.74
CA PHE B 239 37.88 2.19 -15.45
C PHE B 239 37.10 0.87 -15.43
N ASP B 240 37.20 0.13 -14.34
CA ASP B 240 36.40 -1.10 -14.17
C ASP B 240 35.62 -1.03 -12.86
N ALA B 241 34.52 -1.76 -12.78
CA ALA B 241 33.68 -1.70 -11.58
C ALA B 241 32.89 -2.97 -11.36
N ASP B 242 32.25 -3.03 -10.20
CA ASP B 242 31.32 -4.11 -9.88
C ASP B 242 29.92 -3.72 -10.37
N LEU B 243 29.53 -2.49 -10.07
CA LEU B 243 28.24 -1.97 -10.51
C LEU B 243 28.45 -0.66 -11.27
N PHE B 244 27.87 -0.57 -12.47
CA PHE B 244 27.90 0.65 -13.28
C PHE B 244 26.56 1.37 -13.24
N VAL B 245 26.58 2.63 -12.82
CA VAL B 245 25.38 3.48 -12.82
C VAL B 245 25.42 4.45 -14.00
N ASP B 246 24.49 4.30 -14.94
CA ASP B 246 24.41 5.14 -16.14
C ASP B 246 23.58 6.38 -15.83
N CYS B 247 24.25 7.53 -15.67
CA CYS B 247 23.58 8.83 -15.50
C CYS B 247 23.83 9.80 -16.66
N SER B 248 24.00 9.24 -17.86
CA SER B 248 24.34 10.01 -19.05
C SER B 248 23.16 10.69 -19.75
N GLY B 249 21.98 10.68 -19.14
CA GLY B 249 20.83 11.31 -19.78
C GLY B 249 20.33 10.62 -21.04
N PHE B 250 19.62 11.36 -21.88
CA PHE B 250 18.92 10.80 -23.04
C PHE B 250 19.77 9.92 -23.96
N ARG B 251 21.09 10.05 -23.87
CA ARG B 251 22.01 9.27 -24.71
C ARG B 251 22.04 7.78 -24.33
N GLY B 252 21.85 7.50 -23.03
CA GLY B 252 21.91 6.15 -22.50
C GLY B 252 23.10 5.39 -23.04
N LEU B 253 24.28 5.92 -22.78
CA LEU B 253 25.53 5.39 -23.32
C LEU B 253 25.92 4.02 -22.76
N LEU B 254 25.41 3.71 -21.57
CA LEU B 254 25.62 2.42 -20.92
C LEU B 254 24.38 1.55 -21.13
N ILE B 255 23.24 1.94 -20.57
CA ILE B 255 22.04 1.09 -20.60
C ILE B 255 21.51 0.79 -22.02
N ASN B 256 21.49 1.80 -22.89
CA ASN B 256 20.96 1.61 -24.23
C ASN B 256 22.03 1.28 -25.21
N LYS B 257 23.08 2.11 -25.20
CA LYS B 257 24.06 2.04 -26.27
C LYS B 257 24.95 0.81 -26.12
N ALA B 258 25.54 0.60 -24.94
CA ALA B 258 26.45 -0.54 -24.70
C ALA B 258 25.71 -1.83 -24.45
N MET B 259 24.72 -1.76 -23.56
CA MET B 259 23.97 -2.95 -23.13
C MET B 259 22.90 -3.39 -24.13
N GLU B 260 22.62 -2.54 -25.13
CA GLU B 260 21.65 -2.83 -26.17
C GLU B 260 20.23 -3.04 -25.60
N GLU B 261 19.90 -2.33 -24.53
CA GLU B 261 18.54 -2.39 -23.97
C GLU B 261 17.62 -1.36 -24.60
N PRO B 262 16.50 -1.82 -25.17
CA PRO B 262 15.56 -0.97 -25.92
C PRO B 262 14.80 0.05 -25.06
N PHE B 263 14.66 1.23 -25.62
CA PHE B 263 13.90 2.29 -25.00
C PHE B 263 12.47 2.27 -25.57
N LEU B 264 11.51 2.08 -24.69
CA LEU B 264 10.14 2.05 -25.13
C LEU B 264 9.64 3.49 -25.25
N ASP B 265 9.56 3.99 -26.49
CA ASP B 265 8.95 5.29 -26.74
C ASP B 265 7.52 5.19 -26.29
N MET B 266 6.97 6.26 -25.74
CA MET B 266 5.57 6.20 -25.28
C MET B 266 4.69 7.34 -25.73
N SER B 267 4.84 7.75 -27.00
CA SER B 267 4.11 8.89 -27.52
C SER B 267 2.70 8.52 -27.95
N ASP B 268 2.31 7.28 -27.67
CA ASP B 268 0.94 6.86 -27.85
C ASP B 268 0.09 7.32 -26.67
N HIS B 269 0.74 7.95 -25.67
CA HIS B 269 0.03 8.52 -24.52
C HIS B 269 0.44 9.95 -24.28
N LEU B 270 1.65 10.30 -24.68
CA LEU B 270 2.14 11.67 -24.52
C LEU B 270 2.53 12.24 -25.86
N LEU B 271 1.84 13.30 -26.29
CA LEU B 271 2.16 13.91 -27.58
C LEU B 271 3.39 14.84 -27.54
N ASN B 272 3.68 15.44 -26.39
CA ASN B 272 4.76 16.40 -26.29
C ASN B 272 6.12 15.71 -26.29
N ASP B 273 7.09 16.29 -27.00
CA ASP B 273 8.39 15.67 -27.12
C ASP B 273 9.48 16.70 -27.35
N SER B 274 9.12 17.97 -27.30
CA SER B 274 10.08 19.04 -27.55
C SER B 274 9.85 20.19 -26.59
N ALA B 275 10.88 20.99 -26.38
CA ALA B 275 10.71 22.22 -25.62
C ALA B 275 11.57 23.36 -26.18
N VAL B 276 11.20 24.59 -25.82
CA VAL B 276 12.04 25.76 -26.04
C VAL B 276 11.98 26.64 -24.78
N ALA B 277 13.10 26.73 -24.07
CA ALA B 277 13.12 27.30 -22.72
C ALA B 277 14.24 28.33 -22.54
N THR B 278 14.05 29.24 -21.59
CA THR B 278 14.98 30.35 -21.33
C THR B 278 14.93 30.74 -19.85
N GLN B 279 15.62 31.81 -19.47
CA GLN B 279 15.47 32.34 -18.13
C GLN B 279 15.19 33.83 -18.25
N VAL B 280 14.22 34.31 -17.47
CA VAL B 280 13.77 35.69 -17.60
C VAL B 280 13.99 36.53 -16.35
N PRO B 281 14.68 37.68 -16.47
CA PRO B 281 14.92 38.48 -15.27
C PRO B 281 13.60 39.06 -14.78
N HIS B 282 13.44 39.15 -13.47
CA HIS B 282 12.15 39.47 -12.87
C HIS B 282 12.31 40.43 -11.69
N ASP B 283 11.44 41.44 -11.63
CA ASP B 283 11.43 42.41 -10.52
C ASP B 283 10.61 41.89 -9.32
N ASP B 284 11.30 41.32 -8.32
CA ASP B 284 10.63 40.80 -7.12
C ASP B 284 10.07 41.91 -6.25
N ASP B 285 10.74 43.06 -6.24
CA ASP B 285 10.30 44.17 -5.41
C ASP B 285 8.96 44.75 -5.88
N ALA B 286 8.66 44.59 -7.17
CA ALA B 286 7.46 45.18 -7.79
C ALA B 286 6.25 44.24 -7.91
N ASN B 287 6.51 42.95 -8.11
CA ASN B 287 5.46 41.98 -8.35
C ASN B 287 5.48 40.86 -7.33
N GLY B 288 6.40 40.94 -6.39
CA GLY B 288 6.55 39.90 -5.39
C GLY B 288 6.96 38.56 -5.98
N VAL B 289 7.07 37.54 -5.15
CA VAL B 289 7.41 36.22 -5.67
C VAL B 289 6.24 35.26 -5.52
N GLU B 290 5.91 34.61 -6.64
CA GLU B 290 4.86 33.58 -6.71
C GLU B 290 5.26 32.27 -5.99
N PRO B 291 4.43 31.84 -5.01
CA PRO B 291 4.65 30.60 -4.25
C PRO B 291 4.03 29.37 -4.93
N PHE B 292 4.19 29.30 -6.25
CA PHE B 292 3.68 28.20 -7.05
C PHE B 292 4.31 28.16 -8.45
N THR B 293 4.43 26.95 -8.98
CA THR B 293 4.79 26.75 -10.38
C THR B 293 3.55 26.98 -11.20
N SER B 294 3.70 27.60 -12.36
CA SER B 294 2.54 27.85 -13.22
C SER B 294 2.66 27.02 -14.48
N ALA B 295 1.66 26.18 -14.73
CA ALA B 295 1.55 25.41 -15.97
C ALA B 295 0.57 26.11 -16.91
N ILE B 296 1.10 26.82 -17.91
CA ILE B 296 0.27 27.69 -18.76
C ILE B 296 -0.06 27.02 -20.09
N ALA B 297 -1.33 26.90 -20.45
CA ALA B 297 -1.67 26.18 -21.67
C ALA B 297 -1.46 27.00 -22.95
N MET B 298 -0.74 26.39 -23.90
CA MET B 298 -0.49 26.97 -25.23
C MET B 298 -1.35 26.31 -26.30
N LYS B 299 -1.06 26.59 -27.58
CA LYS B 299 -1.86 26.04 -28.66
C LYS B 299 -1.40 24.65 -29.09
N SER B 300 -0.12 24.36 -28.91
CA SER B 300 0.40 23.03 -29.21
C SER B 300 1.24 22.44 -28.07
N GLY B 301 0.81 22.75 -26.85
CA GLY B 301 1.47 22.26 -25.67
C GLY B 301 1.10 23.08 -24.47
N TRP B 302 2.05 23.23 -23.56
CA TRP B 302 1.87 24.08 -22.39
C TRP B 302 3.20 24.72 -22.06
N THR B 303 3.21 25.67 -21.13
CA THR B 303 4.43 26.40 -20.80
C THR B 303 4.65 26.48 -19.31
N TRP B 304 5.83 26.10 -18.86
CA TRP B 304 6.10 26.22 -17.45
C TRP B 304 6.61 27.61 -17.07
N LYS B 305 6.35 27.97 -15.81
CA LYS B 305 6.93 29.14 -15.20
C LYS B 305 7.36 28.75 -13.80
N ILE B 306 8.64 28.90 -13.50
CA ILE B 306 9.20 28.45 -12.25
C ILE B 306 9.94 29.59 -11.55
N PRO B 307 9.22 30.36 -10.72
CA PRO B 307 9.74 31.50 -9.96
C PRO B 307 11.04 31.24 -9.17
N MET B 308 12.03 32.09 -9.36
CA MET B 308 13.25 32.03 -8.57
C MET B 308 13.55 33.40 -7.99
N LEU B 309 14.77 33.59 -7.48
CA LEU B 309 15.15 34.89 -6.91
C LEU B 309 15.59 35.93 -7.97
N GLY B 310 14.66 36.81 -8.35
CA GLY B 310 14.91 37.86 -9.33
C GLY B 310 14.89 37.31 -10.75
N ARG B 311 14.63 36.01 -10.83
CA ARG B 311 14.65 35.25 -12.06
C ARG B 311 13.39 34.43 -12.09
N PHE B 312 13.02 33.95 -13.28
CA PHE B 312 12.08 32.85 -13.35
C PHE B 312 12.41 31.99 -14.56
N GLY B 313 12.36 30.68 -14.39
CA GLY B 313 12.61 29.77 -15.49
C GLY B 313 11.32 29.56 -16.23
N THR B 314 11.39 29.52 -17.55
CA THR B 314 10.19 29.26 -18.31
C THR B 314 10.48 28.46 -19.58
N GLY B 315 9.57 27.54 -19.92
CA GLY B 315 9.74 26.69 -21.07
C GLY B 315 8.43 26.24 -21.69
N TYR B 316 8.36 26.30 -23.02
CA TYR B 316 7.19 25.88 -23.77
C TYR B 316 7.39 24.43 -24.18
N VAL B 317 6.67 23.51 -23.53
CA VAL B 317 6.66 22.10 -23.91
C VAL B 317 5.60 21.91 -24.98
N TYR B 318 6.03 21.61 -26.20
CA TYR B 318 5.11 21.45 -27.32
C TYR B 318 5.23 20.08 -27.94
N SER B 319 4.32 19.77 -28.84
CA SER B 319 4.42 18.54 -29.60
C SER B 319 4.94 18.89 -30.96
N SER B 320 6.03 18.26 -31.38
CA SER B 320 6.68 18.58 -32.65
C SER B 320 5.80 18.19 -33.85
N ARG B 321 4.72 17.48 -33.58
CA ARG B 321 3.82 17.07 -34.64
C ARG B 321 2.69 18.09 -34.90
N PHE B 322 2.68 19.21 -34.16
CA PHE B 322 1.59 20.18 -34.24
C PHE B 322 2.10 21.62 -34.29
N ALA B 323 3.41 21.75 -34.14
CA ALA B 323 4.09 23.04 -34.23
C ALA B 323 5.55 22.79 -34.59
N THR B 324 6.09 23.60 -35.52
CA THR B 324 7.51 23.54 -35.83
C THR B 324 8.30 24.29 -34.76
N GLU B 325 9.62 24.07 -34.70
CA GLU B 325 10.48 24.74 -33.74
C GLU B 325 10.40 26.26 -33.88
N ASP B 326 10.20 26.73 -35.11
CA ASP B 326 10.03 28.15 -35.38
C ASP B 326 8.77 28.67 -34.75
N GLU B 327 7.64 28.04 -35.04
CA GLU B 327 6.35 28.40 -34.44
C GLU B 327 6.39 28.38 -32.90
N ALA B 328 6.98 27.32 -32.34
CA ALA B 328 7.12 27.23 -30.89
C ALA B 328 8.01 28.34 -30.31
N VAL B 329 9.03 28.77 -31.04
CA VAL B 329 9.87 29.86 -30.55
C VAL B 329 9.10 31.18 -30.53
N ARG B 330 8.35 31.51 -31.57
CA ARG B 330 7.71 32.83 -31.54
C ARG B 330 6.42 32.84 -30.71
N GLU B 331 5.74 31.69 -30.64
CA GLU B 331 4.65 31.54 -29.68
C GLU B 331 5.17 31.76 -28.24
N PHE B 332 6.32 31.19 -27.93
CA PHE B 332 6.86 31.22 -26.59
C PHE B 332 7.42 32.60 -26.31
N CYS B 333 8.00 33.21 -27.34
CA CYS B 333 8.58 34.54 -27.21
C CYS B 333 7.53 35.63 -27.13
N GLU B 334 6.48 35.55 -27.96
CA GLU B 334 5.42 36.56 -27.94
C GLU B 334 4.73 36.65 -26.57
N MET B 335 4.54 35.51 -25.92
CA MET B 335 3.76 35.50 -24.70
C MET B 335 4.55 36.10 -23.54
N TRP B 336 5.86 36.13 -23.69
CA TRP B 336 6.70 36.70 -22.66
C TRP B 336 7.30 38.02 -23.11
N HIS B 337 6.90 38.49 -24.30
CA HIS B 337 7.45 39.70 -24.91
C HIS B 337 8.98 39.65 -24.90
N LEU B 338 9.51 38.66 -25.60
CA LEU B 338 10.94 38.46 -25.72
C LEU B 338 11.30 38.56 -27.20
N ASP B 339 12.56 38.90 -27.48
CA ASP B 339 13.07 39.05 -28.83
C ASP B 339 13.57 37.69 -29.30
N PRO B 340 12.89 37.07 -30.30
CA PRO B 340 13.40 35.80 -30.82
C PRO B 340 14.85 35.89 -31.31
N GLU B 341 15.24 37.03 -31.90
CA GLU B 341 16.59 37.19 -32.47
C GLU B 341 17.68 37.52 -31.45
N THR B 342 17.32 37.80 -30.21
CA THR B 342 18.33 38.17 -29.25
C THR B 342 18.19 37.48 -27.89
N GLN B 343 17.06 36.82 -27.64
CA GLN B 343 16.89 36.11 -26.37
C GLN B 343 17.62 34.79 -26.47
N PRO B 344 18.51 34.52 -25.49
CA PRO B 344 19.10 33.18 -25.50
C PRO B 344 18.02 32.13 -25.22
N LEU B 345 17.92 31.13 -26.10
CA LEU B 345 16.95 30.07 -25.94
C LEU B 345 17.63 28.72 -26.00
N ASN B 346 17.09 27.75 -25.27
CA ASN B 346 17.47 26.36 -25.45
C ASN B 346 16.39 25.65 -26.26
N ARG B 347 16.77 24.86 -27.25
CA ARG B 347 15.79 24.04 -27.96
C ARG B 347 16.09 22.59 -27.72
N ILE B 348 15.15 21.90 -27.08
CA ILE B 348 15.37 20.52 -26.68
C ILE B 348 14.47 19.59 -27.47
N ARG B 349 14.98 18.42 -27.81
CA ARG B 349 14.14 17.35 -28.28
C ARG B 349 14.21 16.22 -27.25
N PHE B 350 13.08 15.99 -26.59
CA PHE B 350 12.96 15.07 -25.47
C PHE B 350 12.91 13.62 -25.93
N ARG B 351 13.33 12.71 -25.05
CA ARG B 351 13.09 11.28 -25.25
C ARG B 351 11.98 10.83 -24.27
N VAL B 352 10.75 10.77 -24.78
CA VAL B 352 9.59 10.50 -23.95
C VAL B 352 9.32 9.00 -23.84
N GLY B 353 9.35 8.48 -22.61
CA GLY B 353 9.06 7.07 -22.33
C GLY B 353 10.05 6.50 -21.32
N ARG B 354 10.39 5.21 -21.48
CA ARG B 354 11.35 4.60 -20.59
C ARG B 354 12.06 3.37 -21.18
N ASN B 355 13.18 2.99 -20.56
CA ASN B 355 13.82 1.73 -20.87
C ASN B 355 12.90 0.56 -20.57
N ARG B 356 12.98 -0.47 -21.40
CA ARG B 356 12.22 -1.71 -21.25
C ARG B 356 12.51 -2.31 -19.87
N ARG B 357 13.77 -2.19 -19.44
CA ARG B 357 14.19 -2.46 -18.08
C ARG B 357 15.20 -1.39 -17.67
N ALA B 358 15.12 -0.95 -16.41
CA ALA B 358 15.98 0.12 -15.94
C ALA B 358 17.36 -0.45 -15.63
N TRP B 359 17.39 -1.70 -15.19
CA TRP B 359 18.61 -2.33 -14.73
C TRP B 359 18.79 -3.64 -15.47
N VAL B 360 19.91 -3.77 -16.17
CA VAL B 360 20.26 -5.01 -16.84
C VAL B 360 21.67 -5.34 -16.37
N GLY B 361 21.96 -6.60 -16.05
CA GLY B 361 23.31 -7.00 -15.70
C GLY B 361 23.89 -6.20 -14.57
N ASN B 362 25.05 -5.58 -14.80
CA ASN B 362 25.68 -4.70 -13.81
C ASN B 362 25.43 -3.21 -14.09
N CYS B 363 24.50 -2.93 -15.00
CA CYS B 363 24.23 -1.57 -15.43
C CYS B 363 22.90 -1.01 -14.89
N VAL B 364 22.95 0.01 -14.05
CA VAL B 364 21.73 0.57 -13.49
C VAL B 364 21.49 1.99 -14.02
N SER B 365 20.29 2.27 -14.55
CA SER B 365 20.04 3.60 -15.11
C SER B 365 19.24 4.52 -14.18
N ILE B 366 19.82 5.70 -13.95
CA ILE B 366 19.29 6.70 -13.03
C ILE B 366 19.16 8.03 -13.77
N GLY B 367 18.03 8.71 -13.63
CA GLY B 367 17.79 9.95 -14.37
C GLY B 367 17.23 9.71 -15.76
N THR B 368 17.48 10.63 -16.70
CA THR B 368 16.78 10.55 -18.00
C THR B 368 17.33 9.49 -18.95
N SER B 369 18.40 8.83 -18.53
CA SER B 369 18.86 7.64 -19.23
C SER B 369 17.89 6.49 -18.99
N SER B 370 17.13 6.59 -17.90
CA SER B 370 16.18 5.55 -17.47
C SER B 370 14.80 5.75 -18.07
N CYS B 371 14.21 6.90 -17.76
CA CYS B 371 12.88 7.27 -18.25
C CYS B 371 12.75 8.78 -18.25
N PHE B 372 11.69 9.28 -18.89
CA PHE B 372 11.42 10.71 -18.91
C PHE B 372 10.01 11.02 -19.36
N VAL B 373 9.37 11.94 -18.64
CA VAL B 373 8.05 12.47 -19.00
C VAL B 373 8.14 13.99 -18.80
N GLU B 374 7.38 14.76 -19.58
CA GLU B 374 7.37 16.22 -19.45
C GLU B 374 7.09 16.60 -18.00
N PRO B 375 7.63 17.75 -17.55
CA PRO B 375 7.58 18.21 -16.15
C PRO B 375 6.30 18.90 -15.65
N LEU B 376 5.15 18.44 -16.17
CA LEU B 376 3.83 18.98 -15.86
C LEU B 376 3.43 18.73 -14.41
N GLU B 377 4.04 17.73 -13.80
CA GLU B 377 3.76 17.43 -12.40
C GLU B 377 5.02 17.32 -11.52
N SER B 378 6.07 18.03 -11.94
CA SER B 378 7.31 18.17 -11.19
C SER B 378 7.88 16.84 -10.71
N THR B 379 8.03 15.89 -11.62
CA THR B 379 8.56 14.57 -11.29
C THR B 379 10.00 14.32 -11.74
N GLY B 380 10.66 15.34 -12.28
CA GLY B 380 12.05 15.19 -12.71
C GLY B 380 13.03 14.64 -11.67
N ILE B 381 13.27 15.42 -10.63
CA ILE B 381 14.19 15.03 -9.58
C ILE B 381 13.64 13.87 -8.74
N TYR B 382 12.31 13.83 -8.57
CA TYR B 382 11.67 12.76 -7.83
C TYR B 382 12.08 11.41 -8.39
N PHE B 383 12.03 11.25 -9.71
CA PHE B 383 12.37 9.98 -10.33
C PHE B 383 13.78 9.56 -9.93
N VAL B 384 14.68 10.53 -9.77
CA VAL B 384 16.09 10.22 -9.50
C VAL B 384 16.29 9.68 -8.08
N TYR B 385 15.81 10.39 -7.07
CA TYR B 385 15.95 9.89 -5.71
C TYR B 385 15.01 8.70 -5.39
N ALA B 386 13.82 8.70 -5.97
CA ALA B 386 12.93 7.55 -5.80
C ALA B 386 13.62 6.30 -6.31
N ALA B 387 14.31 6.41 -7.45
CA ALA B 387 15.08 5.30 -8.02
C ALA B 387 16.31 4.94 -7.20
N LEU B 388 17.01 5.96 -6.68
CA LEU B 388 18.18 5.74 -5.85
C LEU B 388 17.79 5.06 -4.56
N TYR B 389 16.68 5.51 -3.98
CA TYR B 389 16.02 4.79 -2.87
C TYR B 389 15.80 3.33 -3.26
N GLN B 390 15.13 3.11 -4.39
CA GLN B 390 14.79 1.77 -4.81
C GLN B 390 16.04 0.93 -5.03
N LEU B 391 17.10 1.54 -5.56
CA LEU B 391 18.36 0.82 -5.83
C LEU B 391 19.02 0.33 -4.56
N VAL B 392 19.07 1.18 -3.54
CA VAL B 392 19.62 0.79 -2.25
C VAL B 392 18.76 -0.31 -1.61
N LYS B 393 17.44 -0.12 -1.57
CA LYS B 393 16.49 -1.12 -1.07
C LYS B 393 16.74 -2.51 -1.66
N HIS B 394 16.99 -2.55 -2.97
CA HIS B 394 17.16 -3.78 -3.72
C HIS B 394 18.62 -4.02 -4.06
N PHE B 395 19.54 -3.60 -3.18
CA PHE B 395 20.98 -3.60 -3.48
C PHE B 395 21.58 -5.00 -3.56
N PRO B 396 22.46 -5.23 -4.56
CA PRO B 396 23.04 -6.56 -4.81
C PRO B 396 24.39 -6.79 -4.14
N ASP B 397 24.80 -8.06 -4.11
CA ASP B 397 26.20 -8.40 -3.89
C ASP B 397 26.78 -8.78 -5.27
N LYS B 398 28.06 -9.15 -5.34
CA LYS B 398 28.70 -9.42 -6.62
C LYS B 398 28.01 -10.57 -7.40
N SER B 399 27.13 -11.32 -6.76
CA SER B 399 26.41 -12.42 -7.43
C SER B 399 25.22 -11.93 -8.29
N LEU B 400 24.81 -10.69 -8.06
CA LEU B 400 23.78 -10.04 -8.86
C LEU B 400 22.54 -10.92 -8.97
N ASN B 401 21.97 -11.21 -7.80
CA ASN B 401 20.72 -11.95 -7.68
C ASN B 401 19.73 -11.31 -8.62
N PRO B 402 19.16 -12.11 -9.54
CA PRO B 402 18.17 -11.70 -10.54
C PRO B 402 16.84 -11.26 -9.91
N VAL B 403 16.47 -11.84 -8.78
CA VAL B 403 15.29 -11.41 -8.05
C VAL B 403 15.41 -9.91 -7.72
N LEU B 404 16.59 -9.49 -7.30
CA LEU B 404 16.80 -8.11 -6.89
C LEU B 404 16.61 -7.15 -8.06
N THR B 405 17.15 -7.50 -9.22
CA THR B 405 17.03 -6.69 -10.42
C THR B 405 15.60 -6.63 -10.94
N ALA B 406 14.95 -7.79 -10.98
CA ALA B 406 13.56 -7.91 -11.41
C ALA B 406 12.64 -6.98 -10.64
N ARG B 407 12.65 -7.10 -9.32
CA ARG B 407 11.74 -6.31 -8.49
C ARG B 407 12.06 -4.83 -8.60
N PHE B 408 13.35 -4.49 -8.57
CA PHE B 408 13.77 -3.10 -8.78
C PHE B 408 13.13 -2.54 -10.04
N ASN B 409 13.32 -3.25 -11.15
CA ASN B 409 12.77 -2.85 -12.43
C ASN B 409 11.25 -2.70 -12.39
N ARG B 410 10.60 -3.50 -11.54
CA ARG B 410 9.14 -3.47 -11.48
C ARG B 410 8.66 -2.22 -10.78
N GLU B 411 9.38 -1.78 -9.76
CA GLU B 411 9.02 -0.56 -9.05
C GLU B 411 9.24 0.65 -9.96
N ILE B 412 10.33 0.64 -10.74
CA ILE B 412 10.62 1.74 -11.64
C ILE B 412 9.59 1.93 -12.75
N GLU B 413 9.10 0.83 -13.34
CA GLU B 413 8.11 0.94 -14.38
C GLU B 413 6.68 1.26 -13.89
N THR B 414 6.31 0.85 -12.68
CA THR B 414 4.99 1.24 -12.19
C THR B 414 5.07 2.71 -11.75
N MET B 415 6.21 3.10 -11.18
CA MET B 415 6.46 4.51 -10.92
C MET B 415 6.33 5.32 -12.20
N PHE B 416 7.04 4.91 -13.26
CA PHE B 416 6.96 5.69 -14.50
C PHE B 416 5.59 5.65 -15.15
N ASP B 417 5.07 4.44 -15.45
CA ASP B 417 3.77 4.28 -16.13
C ASP B 417 2.60 5.01 -15.43
N ASP B 418 2.57 4.95 -14.10
CA ASP B 418 1.56 5.64 -13.31
C ASP B 418 1.52 7.14 -13.57
N THR B 419 2.71 7.72 -13.70
CA THR B 419 2.84 9.15 -13.91
C THR B 419 2.54 9.51 -15.37
N ARG B 420 3.03 8.67 -16.29
CA ARG B 420 2.67 8.81 -17.71
C ARG B 420 1.16 8.86 -17.91
N ASP B 421 0.43 8.02 -17.18
CA ASP B 421 -1.03 7.96 -17.21
C ASP B 421 -1.66 9.21 -16.62
N PHE B 422 -1.10 9.67 -15.51
CA PHE B 422 -1.66 10.81 -14.78
C PHE B 422 -1.50 12.09 -15.58
N ILE B 423 -0.34 12.22 -16.23
CA ILE B 423 -0.06 13.41 -17.02
C ILE B 423 -0.89 13.39 -18.29
N GLN B 424 -1.07 12.21 -18.91
CA GLN B 424 -1.90 12.12 -20.11
C GLN B 424 -3.30 12.63 -19.80
N ALA B 425 -3.83 12.18 -18.67
CA ALA B 425 -5.12 12.65 -18.23
C ALA B 425 -5.24 14.17 -18.10
N HIS B 426 -4.13 14.90 -18.00
CA HIS B 426 -4.19 16.38 -18.03
C HIS B 426 -4.65 16.93 -19.39
N PHE B 427 -4.34 16.19 -20.46
CA PHE B 427 -4.68 16.64 -21.81
C PHE B 427 -5.98 16.02 -22.27
N TYR B 428 -6.19 14.79 -21.85
CA TYR B 428 -7.33 14.01 -22.29
C TYR B 428 -8.64 14.68 -21.87
N PHE B 429 -8.68 15.14 -20.61
CA PHE B 429 -9.89 15.74 -20.04
C PHE B 429 -9.85 17.25 -20.05
N SER B 430 -9.08 17.83 -20.97
CA SER B 430 -9.18 19.27 -21.17
C SER B 430 -10.37 19.51 -22.07
N PRO B 431 -11.19 20.51 -21.74
CA PRO B 431 -12.33 20.77 -22.61
C PRO B 431 -11.95 21.35 -23.97
N ARG B 432 -10.73 21.90 -24.11
CA ARG B 432 -10.39 22.63 -25.33
C ARG B 432 -10.54 21.81 -26.62
N THR B 433 -11.01 22.46 -27.67
CA THR B 433 -11.07 21.84 -28.98
C THR B 433 -10.47 22.77 -30.06
N ASP B 434 -9.81 23.84 -29.63
CA ASP B 434 -9.49 24.95 -30.51
C ASP B 434 -8.30 24.80 -31.47
N THR B 435 -7.38 23.87 -31.17
CA THR B 435 -6.24 23.59 -32.05
C THR B 435 -6.17 22.09 -32.39
N PRO B 436 -5.50 21.73 -33.49
CA PRO B 436 -5.33 20.31 -33.80
C PRO B 436 -4.75 19.51 -32.63
N PHE B 437 -3.82 20.11 -31.88
CA PHE B 437 -3.26 19.51 -30.66
C PHE B 437 -4.31 19.12 -29.59
N TRP B 438 -5.21 20.03 -29.22
CA TRP B 438 -6.15 19.73 -28.14
C TRP B 438 -7.18 18.69 -28.54
N ARG B 439 -7.50 18.67 -29.82
CA ARG B 439 -8.43 17.71 -30.39
C ARG B 439 -7.74 16.38 -30.61
N ALA B 440 -6.42 16.41 -30.73
CA ALA B 440 -5.65 15.21 -31.00
C ALA B 440 -5.49 14.37 -29.75
N ASN B 441 -5.41 15.05 -28.60
CA ASN B 441 -5.25 14.42 -27.28
C ASN B 441 -6.42 13.56 -26.88
N LYS B 442 -7.57 13.82 -27.51
CA LYS B 442 -8.84 13.16 -27.25
C LYS B 442 -9.01 11.87 -28.05
N ASP B 443 -8.19 11.74 -29.11
CA ASP B 443 -8.15 10.54 -29.93
C ASP B 443 -7.20 9.51 -29.34
N LEU B 444 -6.33 9.93 -28.43
CA LEU B 444 -5.41 8.99 -27.77
C LEU B 444 -6.18 8.04 -26.84
N ARG B 445 -5.60 6.90 -26.50
CA ARG B 445 -6.22 6.01 -25.53
C ARG B 445 -5.53 6.13 -24.18
N LEU B 446 -6.31 6.06 -23.11
CA LEU B 446 -5.70 5.98 -21.79
C LEU B 446 -5.22 4.54 -21.65
N ALA B 447 -4.21 4.32 -20.81
CA ALA B 447 -3.81 2.93 -20.52
C ALA B 447 -4.98 2.22 -19.87
N ASP B 448 -5.07 0.90 -20.03
CA ASP B 448 -6.11 0.12 -19.34
C ASP B 448 -6.25 0.47 -17.85
N GLY B 449 -5.12 0.74 -17.21
CA GLY B 449 -5.10 1.03 -15.78
C GLY B 449 -5.55 2.42 -15.41
N MET B 450 -5.25 3.40 -16.25
CA MET B 450 -5.75 4.76 -16.04
C MET B 450 -7.24 4.76 -16.35
N GLN B 451 -7.61 3.96 -17.35
CA GLN B 451 -9.00 3.80 -17.73
C GLN B 451 -9.82 3.25 -16.57
N GLU B 452 -9.27 2.26 -15.86
CA GLU B 452 -9.95 1.74 -14.68
C GLU B 452 -10.08 2.78 -13.57
N LYS B 453 -9.12 3.69 -13.50
CA LYS B 453 -9.13 4.71 -12.46
C LYS B 453 -10.20 5.77 -12.70
N ILE B 454 -10.50 6.07 -13.95
CA ILE B 454 -11.52 7.07 -14.26
C ILE B 454 -12.90 6.50 -13.93
N ASP B 455 -13.14 5.24 -14.32
CA ASP B 455 -14.37 4.51 -14.02
C ASP B 455 -14.67 4.53 -12.54
N MET B 456 -13.62 4.35 -11.75
CA MET B 456 -13.72 4.43 -10.31
C MET B 456 -14.13 5.82 -9.87
N TYR B 457 -13.56 6.84 -10.48
CA TYR B 457 -13.80 8.23 -10.11
C TYR B 457 -15.25 8.65 -10.39
N ARG B 458 -15.75 8.22 -11.56
CA ARG B 458 -17.13 8.44 -11.99
C ARG B 458 -18.15 7.69 -11.14
N ALA B 459 -17.72 6.57 -10.56
CA ALA B 459 -18.58 5.81 -9.68
C ALA B 459 -18.65 6.48 -8.33
N GLY B 460 -17.91 7.58 -8.18
CA GLY B 460 -17.95 8.37 -6.97
C GLY B 460 -16.98 7.87 -5.93
N MET B 461 -16.00 7.09 -6.39
CA MET B 461 -14.97 6.57 -5.50
C MET B 461 -13.81 7.53 -5.33
N ALA B 462 -13.02 7.26 -4.29
CA ALA B 462 -11.72 7.86 -4.12
C ALA B 462 -10.80 7.03 -4.99
N ILE B 463 -9.75 7.63 -5.54
CA ILE B 463 -8.72 6.83 -6.21
C ILE B 463 -7.43 6.80 -5.39
N ASN B 464 -6.97 5.61 -5.01
CA ASN B 464 -5.78 5.47 -4.20
C ASN B 464 -5.77 6.41 -3.00
N ALA B 465 -6.87 6.48 -2.26
CA ALA B 465 -6.95 7.37 -1.09
C ALA B 465 -5.82 7.10 -0.09
N PRO B 466 -5.32 8.16 0.56
CA PRO B 466 -4.19 7.90 1.46
C PRO B 466 -4.60 7.02 2.63
N ALA B 467 -3.64 6.32 3.22
CA ALA B 467 -3.89 5.52 4.40
C ALA B 467 -4.34 6.44 5.54
N SER B 468 -3.69 7.60 5.64
CA SER B 468 -4.00 8.62 6.65
C SER B 468 -4.08 9.98 6.00
N ASP B 469 -4.74 10.93 6.65
CA ASP B 469 -4.84 12.30 6.13
C ASP B 469 -3.79 13.23 6.74
N ASP B 470 -2.75 12.64 7.32
CA ASP B 470 -1.67 13.38 7.96
C ASP B 470 -0.62 13.72 6.91
N ALA B 471 -0.56 15.01 6.54
CA ALA B 471 0.35 15.48 5.48
C ALA B 471 1.80 15.15 5.80
N GLN B 472 2.15 15.13 7.09
CA GLN B 472 3.52 14.90 7.52
C GLN B 472 3.95 13.44 7.44
N LEU B 473 3.08 12.51 7.83
CA LEU B 473 3.42 11.10 7.78
C LEU B 473 3.60 10.64 6.33
N TYR B 474 3.02 11.38 5.40
CA TYR B 474 2.98 10.99 3.98
C TYR B 474 4.22 11.42 3.22
N TYR B 475 4.57 12.70 3.30
CA TYR B 475 5.84 13.16 2.73
C TYR B 475 7.06 12.67 3.56
N GLY B 476 6.81 12.42 4.85
CA GLY B 476 7.83 11.98 5.81
C GLY B 476 8.29 10.54 5.69
N ASN B 477 7.36 9.59 5.59
CA ASN B 477 7.74 8.20 5.33
C ASN B 477 7.78 7.92 3.84
N PHE B 478 8.99 7.87 3.27
CA PHE B 478 9.10 7.74 1.83
C PHE B 478 8.56 6.40 1.29
N GLU B 479 8.52 5.39 2.15
CA GLU B 479 7.99 4.09 1.72
C GLU B 479 6.47 4.23 1.51
N GLU B 480 5.87 5.19 2.22
CA GLU B 480 4.43 5.49 2.16
C GLU B 480 4.06 6.45 1.00
N GLY B 481 4.95 7.40 0.72
CA GLY B 481 4.76 8.38 -0.34
C GLY B 481 5.23 7.89 -1.71
N PHE B 482 5.47 6.58 -1.79
CA PHE B 482 5.89 5.89 -3.00
C PHE B 482 4.85 4.86 -3.40
N ARG B 483 4.44 4.03 -2.44
CA ARG B 483 3.46 2.95 -2.70
C ARG B 483 2.13 3.58 -3.07
N ASN B 484 1.90 4.74 -2.49
CA ASN B 484 0.68 5.50 -2.69
C ASN B 484 1.05 6.91 -3.16
N PHE B 485 1.57 7.03 -4.38
CA PHE B 485 2.17 8.29 -4.82
C PHE B 485 1.19 9.28 -5.43
N TRP B 486 0.45 8.85 -6.44
CA TRP B 486 -0.68 9.65 -6.94
C TRP B 486 -1.95 9.19 -6.24
N ASN B 487 -2.32 9.92 -5.19
CA ASN B 487 -3.49 9.61 -4.36
C ASN B 487 -4.76 10.37 -4.74
N ASN B 488 -5.82 10.19 -3.96
CA ASN B 488 -7.11 10.79 -4.26
C ASN B 488 -7.10 12.32 -4.33
N SER B 489 -6.29 12.95 -3.49
CA SER B 489 -6.18 14.41 -3.49
C SER B 489 -5.73 14.95 -4.85
N ASN B 490 -4.71 14.32 -5.43
CA ASN B 490 -4.18 14.75 -6.72
C ASN B 490 -5.17 14.52 -7.88
N TYR B 491 -5.83 13.38 -7.89
CA TYR B 491 -6.77 13.09 -8.97
C TYR B 491 -7.93 14.07 -8.94
N TYR B 492 -8.45 14.41 -7.76
CA TYR B 492 -9.56 15.35 -7.75
C TYR B 492 -9.11 16.73 -8.21
N CYS B 493 -7.94 17.19 -7.73
CA CYS B 493 -7.37 18.49 -8.09
C CYS B 493 -7.30 18.70 -9.61
N VAL B 494 -6.78 17.69 -10.29
CA VAL B 494 -6.56 17.76 -11.73
C VAL B 494 -7.81 17.44 -12.54
N LEU B 495 -8.55 16.41 -12.12
CA LEU B 495 -9.71 15.98 -12.87
C LEU B 495 -10.94 16.87 -12.59
N ALA B 496 -11.22 17.14 -11.32
CA ALA B 496 -12.32 18.02 -10.96
C ALA B 496 -12.00 19.42 -11.43
N GLY B 497 -10.71 19.76 -11.41
CA GLY B 497 -10.24 21.05 -11.89
C GLY B 497 -10.54 21.26 -13.38
N LEU B 498 -10.16 20.26 -14.18
CA LEU B 498 -10.44 20.28 -15.62
C LEU B 498 -11.94 20.27 -15.90
N GLY B 499 -12.73 19.86 -14.90
CA GLY B 499 -14.17 19.90 -14.99
C GLY B 499 -14.83 18.55 -15.22
N LEU B 500 -14.05 17.49 -15.11
CA LEU B 500 -14.60 16.14 -15.12
C LEU B 500 -15.02 15.72 -13.70
N VAL B 501 -16.27 15.32 -13.53
CA VAL B 501 -16.79 14.98 -12.21
C VAL B 501 -17.52 13.63 -12.26
N PRO B 502 -17.74 13.01 -11.09
CA PRO B 502 -18.46 11.72 -11.06
C PRO B 502 -19.89 11.78 -11.66
N ASP B 503 -20.43 10.65 -12.12
CA ASP B 503 -21.77 10.66 -12.71
C ASP B 503 -22.81 11.09 -11.69
N ALA B 504 -22.58 10.71 -10.43
CA ALA B 504 -23.46 11.03 -9.31
C ALA B 504 -22.65 10.90 -8.02
N PRO B 505 -23.13 11.48 -6.91
CA PRO B 505 -22.32 11.45 -5.68
C PRO B 505 -22.08 10.03 -5.16
N SER B 506 -21.04 9.91 -4.34
CA SER B 506 -20.70 8.69 -3.60
C SER B 506 -21.90 8.09 -2.86
N PRO B 507 -22.42 6.95 -3.35
CA PRO B 507 -23.57 6.24 -2.76
C PRO B 507 -23.59 6.18 -1.24
N ARG B 508 -22.44 6.17 -0.58
CA ARG B 508 -22.38 6.17 0.88
C ARG B 508 -22.97 7.40 1.56
N LEU B 509 -22.92 8.57 0.92
CA LEU B 509 -23.27 9.80 1.61
C LEU B 509 -24.79 9.88 1.84
N ALA B 510 -25.54 9.17 0.98
CA ALA B 510 -26.98 9.04 1.12
C ALA B 510 -27.36 8.18 2.33
N HIS B 511 -26.39 7.51 2.92
CA HIS B 511 -26.64 6.62 4.04
C HIS B 511 -25.95 7.14 5.29
N MET B 512 -25.27 8.28 5.15
CA MET B 512 -24.57 8.90 6.26
C MET B 512 -25.08 10.32 6.53
N PRO B 513 -26.34 10.46 6.94
CA PRO B 513 -26.91 11.80 7.09
C PRO B 513 -26.35 12.61 8.26
N ARG B 514 -25.82 11.96 9.29
CA ARG B 514 -25.15 12.70 10.36
C ARG B 514 -23.93 13.39 9.76
N ALA B 515 -23.25 12.67 8.88
CA ALA B 515 -21.99 13.11 8.28
C ALA B 515 -22.13 14.26 7.28
N THR B 516 -23.12 14.16 6.37
CA THR B 516 -23.39 15.23 5.40
C THR B 516 -23.92 16.52 6.05
N GLU B 517 -24.60 16.39 7.18
CA GLU B 517 -25.06 17.55 7.94
C GLU B 517 -23.90 18.19 8.66
N SER B 518 -23.07 17.37 9.29
CA SER B 518 -21.95 17.87 10.08
C SER B 518 -20.70 18.18 9.25
N VAL B 519 -20.79 18.12 7.91
CA VAL B 519 -19.60 18.40 7.10
C VAL B 519 -19.33 19.89 6.90
N ASP B 520 -20.39 20.70 6.82
CA ASP B 520 -20.22 22.12 6.58
C ASP B 520 -19.41 22.80 7.68
N GLU B 521 -19.15 22.07 8.77
CA GLU B 521 -18.29 22.60 9.83
C GLU B 521 -16.84 22.54 9.36
N VAL B 522 -16.48 21.49 8.61
CA VAL B 522 -15.12 21.36 8.09
C VAL B 522 -14.91 22.25 6.86
N PHE B 523 -15.97 22.42 6.07
CA PHE B 523 -15.93 23.31 4.90
C PHE B 523 -15.76 24.74 5.36
N GLY B 524 -16.15 25.00 6.61
CA GLY B 524 -16.04 26.32 7.20
C GLY B 524 -14.74 26.50 7.94
N ALA B 525 -14.08 25.40 8.29
CA ALA B 525 -12.74 25.45 8.88
C ALA B 525 -11.71 25.89 7.83
N VAL B 526 -11.85 25.43 6.58
CA VAL B 526 -10.97 25.91 5.51
C VAL B 526 -11.28 27.35 5.14
N LYS B 527 -12.55 27.74 5.25
CA LYS B 527 -12.95 29.11 4.94
C LYS B 527 -12.41 30.07 5.99
N ASP B 528 -12.36 29.61 7.23
CA ASP B 528 -11.83 30.41 8.32
C ASP B 528 -10.32 30.52 8.18
N ARG B 529 -9.67 29.40 7.88
CA ARG B 529 -8.22 29.35 7.75
C ARG B 529 -7.70 30.10 6.49
N GLN B 530 -8.44 30.06 5.40
CA GLN B 530 -8.12 30.90 4.24
C GLN B 530 -8.10 32.36 4.66
N ARG B 531 -9.11 32.77 5.41
CA ARG B 531 -9.31 34.17 5.75
C ARG B 531 -8.30 34.67 6.78
N ASN B 532 -8.03 33.87 7.81
CA ASN B 532 -7.01 34.22 8.80
C ASN B 532 -5.60 34.31 8.21
N LEU B 533 -5.21 33.30 7.42
CA LEU B 533 -3.85 33.24 6.88
C LEU B 533 -3.62 34.28 5.79
N LEU B 534 -4.69 34.67 5.10
CA LEU B 534 -4.64 35.72 4.09
C LEU B 534 -4.18 37.06 4.67
N GLU B 535 -4.41 37.25 5.97
CA GLU B 535 -4.08 38.50 6.63
C GLU B 535 -3.09 38.27 7.77
N THR B 536 -2.51 37.08 7.82
CA THR B 536 -1.54 36.75 8.86
C THR B 536 -0.31 36.08 8.26
N LEU B 537 -0.05 36.36 6.98
CA LEU B 537 1.09 35.77 6.31
C LEU B 537 1.86 36.80 5.50
N PRO B 538 3.20 36.83 5.69
CA PRO B 538 4.11 37.71 4.94
C PRO B 538 4.13 37.30 3.48
N SER B 539 4.36 38.23 2.56
CA SER B 539 4.54 37.83 1.16
C SER B 539 5.72 36.88 1.09
N LEU B 540 5.71 35.96 0.14
CA LEU B 540 6.85 35.06 -0.03
C LEU B 540 8.10 35.89 -0.33
N HIS B 541 7.89 37.02 -1.01
CA HIS B 541 8.96 37.99 -1.21
C HIS B 541 9.59 38.39 0.12
N GLU B 542 8.76 38.69 1.12
CA GLU B 542 9.30 39.15 2.40
C GLU B 542 10.08 38.05 3.10
N PHE B 543 9.57 36.83 3.05
CA PHE B 543 10.24 35.73 3.72
C PHE B 543 11.61 35.42 3.09
N LEU B 544 11.65 35.38 1.76
CA LEU B 544 12.90 35.20 1.05
C LEU B 544 13.93 36.28 1.36
N ARG B 545 13.48 37.54 1.40
CA ARG B 545 14.35 38.65 1.78
C ARG B 545 15.10 38.37 3.09
N GLN B 546 14.39 37.80 4.06
CA GLN B 546 15.02 37.42 5.32
C GLN B 546 16.02 36.27 5.23
N GLN B 547 15.91 35.46 4.18
CA GLN B 547 16.82 34.32 3.99
C GLN B 547 17.85 34.60 2.89
P PO4 C . -20.85 -19.02 8.03
O1 PO4 C . -21.16 -18.76 6.55
O2 PO4 C . -21.98 -18.46 8.88
O3 PO4 C . -20.74 -20.50 8.32
O4 PO4 C . -19.51 -18.34 8.37
P PO4 D . 19.79 14.08 -15.98
O1 PO4 D . 19.40 14.98 -17.16
O2 PO4 D . 18.67 14.13 -14.93
O3 PO4 D . 20.01 12.66 -16.46
O4 PO4 D . 21.10 14.63 -15.44
#